data_8K7H
#
_entry.id   8K7H
#
_cell.length_a   90.513
_cell.length_b   90.513
_cell.length_c   216.346
_cell.angle_alpha   90.000
_cell.angle_beta   90.000
_cell.angle_gamma   120.000
#
_symmetry.space_group_name_H-M   'P 32 2 1'
#
loop_
_entity.id
_entity.type
_entity.pdbx_description
1 polymer 'Alpha-galactosidase A'
2 branched 2-acetamido-2-deoxy-beta-D-glucopyranose-(1-4)-2-acetamido-2-deoxy-beta-D-glucopyranose
3 branched alpha-D-mannopyranose-(1-3)-beta-D-mannopyranose-(1-4)-2-acetamido-2-deoxy-beta-D-glucopyranose-(1-4)-2-acetamido-2-deoxy-beta-D-glucopyranose
4 non-polymer 2-acetamido-2-deoxy-beta-D-glucopyranose
5 non-polymer (2~{R},3~{S},4~{R})-2-(hydroxymethyl)-1-methyl-pyrrolidine-3,4-diol
6 non-polymer 'SULFATE ION'
7 water water
#
_entity_poly.entity_id   1
_entity_poly.type   'polypeptide(L)'
_entity_poly.pdbx_seq_one_letter_code
;LDNGLARTPTMGWLHWERFMCNLDCQEEPDSCISEKLFMEMAELMVSEGWKDAGYEYLCIDDCWMAPQRDSEGRLQADPQ
RFPHGIRQLANYVHSKGLKLGIYADVGNKTCAGFPGSFGYYDIDAQTFADWGVDLLKFDGCYCDSLENLADGYKHMSLAL
NRTGRSIVYSCEWPLYMWPFQKPNYTEIRQYCNHWRNFADIDDSWKSIKSILDWTSFNQERIVDVAGPGGWNDPDMLVIG
NFGLSWNQQVTQMALWAIMAAPLFMSNDLRHISPQAKALLQDKDVIAINQDPLGKQGYQLRQGDNFEVWERPLSGLAWAV
AMINRQEIGGPRSYTIAVASLGKGVACNPACFITQLLPVKRKLGFYEWTSRLRSHINPTGTVLLQLENTMQMSLKDLL
;
_entity_poly.pdbx_strand_id   A,B
#
loop_
_chem_comp.id
_chem_comp.type
_chem_comp.name
_chem_comp.formula
BMA D-saccharide, beta linking beta-D-mannopyranose 'C6 H12 O6'
MAN D-saccharide, alpha linking alpha-D-mannopyranose 'C6 H12 O6'
NAG D-saccharide, beta linking 2-acetamido-2-deoxy-beta-D-glucopyranose 'C8 H15 N O6'
SO4 non-polymer 'SULFATE ION' 'O4 S -2'
VMO non-polymer (2~{R},3~{S},4~{R})-2-(hydroxymethyl)-1-methyl-pyrrolidine-3,4-diol 'C6 H13 N O3'
#
# COMPACT_ATOMS: atom_id res chain seq x y z
N LEU A 1 15.75 -13.23 -29.01
CA LEU A 1 15.94 -14.61 -29.43
C LEU A 1 15.02 -14.93 -30.61
N ASP A 2 15.61 -15.25 -31.75
CA ASP A 2 14.82 -15.51 -32.96
C ASP A 2 14.42 -16.98 -33.05
N ASN A 3 13.60 -17.41 -32.09
CA ASN A 3 13.00 -18.73 -32.12
C ASN A 3 11.53 -18.70 -32.52
N GLY A 4 11.05 -17.56 -33.02
CA GLY A 4 9.65 -17.43 -33.38
C GLY A 4 8.69 -17.30 -32.22
N LEU A 5 9.17 -17.28 -30.99
CA LEU A 5 8.32 -17.18 -29.81
C LEU A 5 8.39 -15.77 -29.22
N ALA A 6 7.45 -15.49 -28.32
CA ALA A 6 7.40 -14.22 -27.60
C ALA A 6 7.39 -13.04 -28.58
N ARG A 7 6.63 -13.18 -29.66
CA ARG A 7 6.47 -12.08 -30.59
C ARG A 7 5.70 -10.93 -29.96
N THR A 8 4.90 -11.22 -28.95
CA THR A 8 4.38 -10.26 -27.98
C THR A 8 4.88 -10.71 -26.62
N PRO A 9 4.88 -9.82 -25.62
CA PRO A 9 5.34 -10.23 -24.29
C PRO A 9 4.54 -11.43 -23.77
N THR A 10 5.28 -12.41 -23.23
CA THR A 10 4.65 -13.62 -22.71
C THR A 10 3.69 -13.28 -21.57
N MET A 11 2.53 -13.94 -21.58
CA MET A 11 1.53 -13.77 -20.53
C MET A 11 1.27 -15.13 -19.88
N GLY A 12 1.15 -15.11 -18.55
CA GLY A 12 0.92 -16.33 -17.81
C GLY A 12 0.88 -16.17 -16.31
N TRP A 13 1.20 -17.25 -15.60
CA TRP A 13 1.10 -17.30 -14.14
C TRP A 13 2.34 -18.01 -13.60
N LEU A 14 2.93 -17.44 -12.55
CA LEU A 14 4.17 -17.92 -11.96
C LEU A 14 4.00 -17.93 -10.45
N HIS A 15 4.39 -19.03 -9.80
CA HIS A 15 3.99 -19.23 -8.40
C HIS A 15 4.85 -18.47 -7.40
N TRP A 16 6.00 -17.92 -7.78
CA TRP A 16 7.02 -17.59 -6.80
C TRP A 16 6.55 -16.57 -5.77
N GLU A 17 6.13 -15.39 -6.21
CA GLU A 17 5.88 -14.31 -5.26
C GLU A 17 4.82 -14.69 -4.24
N ARG A 18 3.74 -15.34 -4.69
CA ARG A 18 2.64 -15.64 -3.79
C ARG A 18 2.90 -16.89 -2.96
N PHE A 19 3.51 -17.92 -3.55
CA PHE A 19 3.64 -19.21 -2.87
C PHE A 19 5.07 -19.59 -2.50
N MET A 20 6.08 -18.97 -3.12
CA MET A 20 7.47 -19.12 -2.72
C MET A 20 7.93 -20.57 -2.63
N CYS A 21 8.67 -20.90 -1.58
CA CYS A 21 9.23 -22.25 -1.45
C CYS A 21 8.55 -23.02 -0.33
N ASN A 22 7.21 -23.03 -0.35
CA ASN A 22 6.45 -23.73 0.69
C ASN A 22 6.48 -25.23 0.43
N LEU A 23 7.20 -25.97 1.26
CA LEU A 23 7.32 -27.41 1.14
C LEU A 23 6.48 -28.16 2.17
N ASP A 24 5.79 -27.44 3.06
CA ASP A 24 5.09 -28.05 4.18
C ASP A 24 3.69 -28.49 3.73
N CYS A 25 3.65 -29.63 3.03
CA CYS A 25 2.38 -30.14 2.56
C CYS A 25 1.59 -30.84 3.66
N GLN A 26 2.22 -31.16 4.79
CA GLN A 26 1.51 -31.74 5.91
C GLN A 26 0.63 -30.70 6.60
N GLU A 27 1.20 -29.55 6.92
CA GLU A 27 0.47 -28.50 7.63
C GLU A 27 -0.26 -27.55 6.69
N GLU A 28 0.20 -27.40 5.44
CA GLU A 28 -0.40 -26.49 4.47
C GLU A 28 -0.54 -27.17 3.11
N PRO A 29 -1.41 -28.19 3.01
CA PRO A 29 -1.57 -28.87 1.72
C PRO A 29 -2.03 -27.96 0.59
N ASP A 30 -2.83 -26.94 0.88
CA ASP A 30 -3.46 -26.14 -0.16
C ASP A 30 -2.57 -25.03 -0.69
N SER A 31 -1.43 -24.73 -0.05
CA SER A 31 -0.53 -23.72 -0.57
C SER A 31 0.91 -24.21 -0.74
N CYS A 32 1.19 -25.48 -0.49
CA CYS A 32 2.54 -25.98 -0.71
C CYS A 32 2.78 -26.17 -2.21
N ILE A 33 4.06 -26.12 -2.60
CA ILE A 33 4.43 -26.25 -4.00
C ILE A 33 4.23 -27.69 -4.44
N SER A 34 3.10 -27.96 -5.08
CA SER A 34 2.71 -29.33 -5.39
C SER A 34 2.02 -29.36 -6.75
N GLU A 35 1.93 -30.58 -7.29
CA GLU A 35 1.24 -30.79 -8.56
C GLU A 35 -0.24 -30.41 -8.46
N LYS A 36 -0.84 -30.59 -7.28
CA LYS A 36 -2.24 -30.23 -7.10
C LYS A 36 -2.46 -28.73 -7.23
N LEU A 37 -1.55 -27.93 -6.68
CA LEU A 37 -1.66 -26.48 -6.79
C LEU A 37 -1.69 -26.04 -8.25
N PHE A 38 -0.82 -26.63 -9.07
CA PHE A 38 -0.75 -26.22 -10.47
C PHE A 38 -1.95 -26.74 -11.25
N MET A 39 -2.46 -27.92 -10.91
CA MET A 39 -3.70 -28.38 -11.53
C MET A 39 -4.84 -27.41 -11.23
N GLU A 40 -4.95 -26.97 -9.98
CA GLU A 40 -6.03 -26.05 -9.61
C GLU A 40 -5.89 -24.73 -10.35
N MET A 41 -4.66 -24.19 -10.42
CA MET A 41 -4.45 -22.95 -11.17
C MET A 41 -4.82 -23.13 -12.65
N ALA A 42 -4.47 -24.27 -13.25
CA ALA A 42 -4.80 -24.50 -14.65
C ALA A 42 -6.32 -24.52 -14.87
N GLU A 43 -7.01 -25.25 -13.99
CA GLU A 43 -8.48 -25.30 -14.07
C GLU A 43 -9.06 -23.90 -14.02
N LEU A 44 -8.58 -23.09 -13.08
CA LEU A 44 -9.14 -21.74 -12.96
C LEU A 44 -8.73 -20.84 -14.13
N MET A 45 -7.52 -21.02 -14.66
CA MET A 45 -7.11 -20.25 -15.82
C MET A 45 -8.07 -20.47 -16.97
N VAL A 46 -8.54 -21.71 -17.13
CA VAL A 46 -9.56 -21.96 -18.16
C VAL A 46 -10.91 -21.42 -17.73
N SER A 47 -11.38 -21.81 -16.54
CA SER A 47 -12.77 -21.57 -16.15
C SER A 47 -13.05 -20.11 -15.83
N GLU A 48 -12.05 -19.36 -15.35
CA GLU A 48 -12.27 -17.99 -14.92
C GLU A 48 -11.87 -16.96 -15.97
N GLY A 49 -11.62 -17.38 -17.20
CA GLY A 49 -11.40 -16.45 -18.29
C GLY A 49 -9.99 -15.95 -18.46
N TRP A 50 -9.03 -16.49 -17.70
CA TRP A 50 -7.65 -16.01 -17.82
C TRP A 50 -7.05 -16.38 -19.16
N LYS A 51 -7.26 -17.62 -19.61
CA LYS A 51 -6.76 -18.04 -20.91
C LYS A 51 -7.38 -17.20 -22.03
N ASP A 52 -8.69 -16.96 -21.96
CA ASP A 52 -9.35 -16.10 -22.93
C ASP A 52 -8.72 -14.72 -22.99
N ALA A 53 -8.31 -14.18 -21.84
CA ALA A 53 -7.70 -12.87 -21.80
C ALA A 53 -6.29 -12.87 -22.37
N GLY A 54 -5.64 -14.04 -22.43
CA GLY A 54 -4.32 -14.13 -23.02
C GLY A 54 -3.28 -14.75 -22.12
N TYR A 55 -3.63 -15.02 -20.87
CA TYR A 55 -2.71 -15.66 -19.94
C TYR A 55 -2.60 -17.14 -20.30
N GLU A 56 -1.47 -17.54 -20.86
CA GLU A 56 -1.31 -18.81 -21.53
C GLU A 56 -0.30 -19.75 -20.86
N TYR A 57 0.71 -19.22 -20.18
CA TYR A 57 1.81 -20.02 -19.64
C TYR A 57 1.63 -20.24 -18.14
N LEU A 58 1.40 -21.48 -17.74
CA LEU A 58 1.39 -21.87 -16.34
C LEU A 58 2.79 -22.32 -15.95
N CYS A 59 3.46 -21.55 -15.10
CA CYS A 59 4.89 -21.68 -14.90
C CYS A 59 5.24 -22.10 -13.48
N ILE A 60 6.04 -23.15 -13.36
CA ILE A 60 6.63 -23.56 -12.09
C ILE A 60 7.92 -22.79 -11.85
N ASP A 61 8.07 -22.25 -10.65
CA ASP A 61 9.29 -21.60 -10.24
C ASP A 61 10.13 -22.56 -9.41
N ASP A 62 10.98 -22.02 -8.53
CA ASP A 62 11.91 -22.85 -7.76
C ASP A 62 11.15 -23.75 -6.78
N CYS A 63 11.84 -24.80 -6.33
CA CYS A 63 11.38 -25.75 -5.32
C CYS A 63 10.36 -26.75 -5.86
N TRP A 64 10.55 -27.20 -7.10
CA TRP A 64 9.80 -28.34 -7.62
C TRP A 64 10.63 -29.61 -7.68
N MET A 65 11.94 -29.51 -7.53
CA MET A 65 12.84 -30.62 -7.77
C MET A 65 12.94 -31.55 -6.56
N ALA A 66 13.28 -32.80 -6.83
CA ALA A 66 13.74 -33.69 -5.78
C ALA A 66 15.13 -33.25 -5.31
N PRO A 67 15.51 -33.63 -4.09
CA PRO A 67 16.81 -33.14 -3.56
C PRO A 67 18.01 -33.52 -4.40
N GLN A 68 17.93 -34.58 -5.21
CA GLN A 68 19.06 -35.03 -6.00
C GLN A 68 18.58 -35.53 -7.36
N ARG A 69 19.53 -35.68 -8.28
CA ARG A 69 19.21 -36.18 -9.60
C ARG A 69 18.95 -37.68 -9.54
N ASP A 70 18.40 -38.23 -10.62
CA ASP A 70 18.07 -39.64 -10.61
C ASP A 70 19.32 -40.46 -10.91
N SER A 71 19.12 -41.76 -11.18
CA SER A 71 20.26 -42.64 -11.43
C SER A 71 21.02 -42.23 -12.68
N GLU A 72 20.31 -41.84 -13.74
CA GLU A 72 20.95 -41.41 -14.98
C GLU A 72 21.39 -39.94 -14.96
N GLY A 73 21.34 -39.27 -13.82
CA GLY A 73 21.82 -37.90 -13.74
C GLY A 73 20.86 -36.83 -14.24
N ARG A 74 19.60 -37.16 -14.45
CA ARG A 74 18.60 -36.21 -14.89
C ARG A 74 17.88 -35.59 -13.69
N LEU A 75 17.36 -34.38 -13.88
CA LEU A 75 16.51 -33.78 -12.86
C LEU A 75 15.23 -34.58 -12.70
N GLN A 76 14.70 -34.59 -11.47
CA GLN A 76 13.41 -35.18 -11.21
C GLN A 76 12.60 -34.27 -10.30
N ALA A 77 11.28 -34.29 -10.52
CA ALA A 77 10.38 -33.58 -9.63
C ALA A 77 10.30 -34.30 -8.29
N ASP A 78 9.97 -33.55 -7.24
CA ASP A 78 9.86 -34.15 -5.91
C ASP A 78 8.87 -35.30 -5.95
N PRO A 79 9.25 -36.50 -5.50
CA PRO A 79 8.35 -37.66 -5.59
C PRO A 79 7.03 -37.46 -4.85
N GLN A 80 7.04 -36.84 -3.68
CA GLN A 80 5.81 -36.69 -2.90
C GLN A 80 4.95 -35.53 -3.40
N ARG A 81 5.55 -34.38 -3.71
CA ARG A 81 4.75 -33.22 -4.09
C ARG A 81 4.38 -33.23 -5.57
N PHE A 82 5.14 -33.93 -6.41
CA PHE A 82 4.82 -34.11 -7.83
C PHE A 82 4.80 -35.60 -8.14
N PRO A 83 3.85 -36.35 -7.58
CA PRO A 83 3.87 -37.81 -7.73
C PRO A 83 3.81 -38.30 -9.17
N HIS A 84 3.13 -37.59 -10.06
CA HIS A 84 2.98 -38.06 -11.44
C HIS A 84 4.04 -37.49 -12.38
N GLY A 85 4.90 -36.60 -11.90
CA GLY A 85 6.01 -36.13 -12.70
C GLY A 85 5.63 -34.98 -13.63
N ILE A 86 6.67 -34.30 -14.11
CA ILE A 86 6.48 -33.07 -14.85
C ILE A 86 5.88 -33.35 -16.21
N ARG A 87 6.30 -34.45 -16.86
CA ARG A 87 5.74 -34.78 -18.16
C ARG A 87 4.22 -34.97 -18.08
N GLN A 88 3.76 -35.65 -17.03
CA GLN A 88 2.31 -35.85 -16.87
C GLN A 88 1.61 -34.53 -16.56
N LEU A 89 2.23 -33.70 -15.71
CA LEU A 89 1.63 -32.39 -15.45
C LEU A 89 1.53 -31.56 -16.74
N ALA A 90 2.58 -31.60 -17.57
CA ALA A 90 2.56 -30.90 -18.84
C ALA A 90 1.48 -31.44 -19.76
N ASN A 91 1.30 -32.77 -19.80
CA ASN A 91 0.21 -33.35 -20.58
C ASN A 91 -1.13 -32.79 -20.13
N TYR A 92 -1.36 -32.74 -18.82
CA TYR A 92 -2.62 -32.21 -18.31
C TYR A 92 -2.78 -30.74 -18.70
N VAL A 93 -1.73 -29.94 -18.52
CA VAL A 93 -1.79 -28.52 -18.85
C VAL A 93 -2.07 -28.31 -20.33
N HIS A 94 -1.46 -29.14 -21.20
CA HIS A 94 -1.71 -29.06 -22.63
C HIS A 94 -3.15 -29.46 -22.97
N SER A 95 -3.71 -30.42 -22.24
CA SER A 95 -5.09 -30.81 -22.51
C SER A 95 -6.07 -29.69 -22.19
N LYS A 96 -5.68 -28.73 -21.35
CA LYS A 96 -6.46 -27.53 -21.12
C LYS A 96 -6.17 -26.41 -22.11
N GLY A 97 -5.29 -26.64 -23.10
CA GLY A 97 -4.97 -25.59 -24.03
C GLY A 97 -3.95 -24.59 -23.51
N LEU A 98 -3.19 -24.96 -22.49
CA LEU A 98 -2.23 -24.07 -21.85
C LEU A 98 -0.81 -24.60 -22.09
N LYS A 99 0.17 -23.78 -21.72
CA LYS A 99 1.58 -24.14 -21.84
C LYS A 99 2.21 -24.16 -20.46
N LEU A 100 3.24 -25.01 -20.31
CA LEU A 100 3.88 -25.23 -19.03
C LEU A 100 5.28 -24.62 -19.02
N GLY A 101 5.56 -23.78 -18.03
CA GLY A 101 6.89 -23.27 -17.80
C GLY A 101 7.51 -23.96 -16.60
N ILE A 102 8.84 -24.08 -16.61
CA ILE A 102 9.58 -24.69 -15.51
C ILE A 102 10.81 -23.82 -15.21
N TYR A 103 11.51 -24.18 -14.14
CA TYR A 103 12.59 -23.39 -13.58
C TYR A 103 13.86 -24.23 -13.46
N ALA A 104 15.01 -23.58 -13.67
CA ALA A 104 16.31 -24.20 -13.43
C ALA A 104 17.31 -23.08 -13.17
N ASP A 105 18.55 -23.46 -12.90
CA ASP A 105 19.57 -22.50 -12.49
C ASP A 105 20.88 -22.76 -13.22
N VAL A 106 21.51 -21.68 -13.68
CA VAL A 106 22.74 -21.80 -14.46
C VAL A 106 23.90 -22.31 -13.62
N GLY A 107 23.86 -22.11 -12.31
CA GLY A 107 24.96 -22.43 -11.42
C GLY A 107 24.90 -23.84 -10.87
N ASN A 108 25.61 -24.04 -9.76
CA ASN A 108 25.72 -25.35 -9.15
C ASN A 108 24.51 -25.71 -8.30
N LYS A 109 23.67 -24.74 -7.95
CA LYS A 109 22.44 -24.97 -7.19
C LYS A 109 21.43 -23.90 -7.56
N THR A 110 20.15 -24.23 -7.41
CA THR A 110 19.12 -23.21 -7.48
C THR A 110 19.23 -22.28 -6.27
N CYS A 111 18.60 -21.12 -6.37
CA CYS A 111 18.66 -20.15 -5.28
C CYS A 111 18.15 -20.74 -3.96
N ALA A 112 17.20 -21.67 -4.02
CA ALA A 112 16.69 -22.33 -2.83
C ALA A 112 17.51 -23.54 -2.40
N GLY A 113 18.49 -23.96 -3.19
CA GLY A 113 19.40 -25.01 -2.79
C GLY A 113 19.19 -26.36 -3.45
N PHE A 114 18.37 -26.44 -4.49
CA PHE A 114 18.13 -27.69 -5.20
C PHE A 114 19.11 -27.81 -6.36
N PRO A 115 19.18 -29.00 -7.01
CA PRO A 115 20.20 -29.21 -8.04
C PRO A 115 20.28 -28.12 -9.10
N GLY A 116 21.49 -27.57 -9.27
CA GLY A 116 21.76 -26.65 -10.35
C GLY A 116 22.04 -27.39 -11.65
N SER A 117 22.12 -26.61 -12.73
CA SER A 117 22.27 -27.19 -14.06
C SER A 117 23.68 -27.10 -14.62
N PHE A 118 24.59 -26.41 -13.93
CA PHE A 118 25.98 -26.35 -14.39
C PHE A 118 26.52 -27.76 -14.55
N GLY A 119 27.12 -28.03 -15.71
CA GLY A 119 27.60 -29.36 -16.02
C GLY A 119 26.55 -30.26 -16.65
N TYR A 120 25.28 -29.84 -16.67
CA TYR A 120 24.20 -30.66 -17.19
C TYR A 120 23.33 -29.92 -18.20
N TYR A 121 23.85 -28.86 -18.83
CA TYR A 121 23.02 -28.01 -19.68
C TYR A 121 22.33 -28.80 -20.78
N ASP A 122 23.05 -29.71 -21.45
CA ASP A 122 22.45 -30.42 -22.57
C ASP A 122 21.46 -31.48 -22.11
N ILE A 123 21.82 -32.23 -21.07
CA ILE A 123 20.89 -33.24 -20.55
C ILE A 123 19.65 -32.56 -19.98
N ASP A 124 19.82 -31.43 -19.29
CA ASP A 124 18.66 -30.75 -18.72
C ASP A 124 17.76 -30.18 -19.81
N ALA A 125 18.34 -29.58 -20.85
CA ALA A 125 17.55 -29.09 -21.96
C ALA A 125 16.76 -30.21 -22.61
N GLN A 126 17.41 -31.35 -22.86
CA GLN A 126 16.72 -32.46 -23.52
C GLN A 126 15.67 -33.07 -22.60
N THR A 127 15.94 -33.13 -21.30
CA THR A 127 14.94 -33.58 -20.34
C THR A 127 13.70 -32.69 -20.42
N PHE A 128 13.88 -31.37 -20.33
CA PHE A 128 12.74 -30.47 -20.41
C PHE A 128 11.96 -30.67 -21.71
N ALA A 129 12.67 -30.81 -22.83
CA ALA A 129 11.98 -31.00 -24.10
C ALA A 129 11.20 -32.30 -24.12
N ASP A 130 11.80 -33.39 -23.61
CA ASP A 130 11.10 -34.67 -23.51
C ASP A 130 9.84 -34.53 -22.65
N TRP A 131 9.90 -33.74 -21.59
CA TRP A 131 8.77 -33.57 -20.70
C TRP A 131 7.61 -32.82 -21.34
N GLY A 132 7.86 -32.08 -22.42
CA GLY A 132 6.84 -31.24 -23.00
C GLY A 132 6.81 -29.84 -22.43
N VAL A 133 7.91 -29.41 -21.81
CA VAL A 133 8.00 -28.07 -21.24
C VAL A 133 7.97 -27.04 -22.36
N ASP A 134 7.25 -25.94 -22.13
CA ASP A 134 7.10 -24.88 -23.12
C ASP A 134 7.83 -23.61 -22.76
N LEU A 135 8.39 -23.51 -21.56
CA LEU A 135 9.10 -22.30 -21.13
C LEU A 135 10.08 -22.67 -20.03
N LEU A 136 11.25 -22.03 -20.04
CA LEU A 136 12.24 -22.21 -18.99
C LEU A 136 12.66 -20.86 -18.43
N LYS A 137 12.52 -20.69 -17.12
CA LYS A 137 13.10 -19.58 -16.38
C LYS A 137 14.43 -20.06 -15.82
N PHE A 138 15.50 -19.36 -16.14
CA PHE A 138 16.86 -19.82 -15.83
C PHE A 138 17.51 -18.84 -14.87
N ASP A 139 17.64 -19.26 -13.61
CA ASP A 139 18.13 -18.41 -12.54
C ASP A 139 19.66 -18.41 -12.51
N GLY A 140 20.22 -17.45 -11.77
CA GLY A 140 21.65 -17.24 -11.77
C GLY A 140 22.40 -17.42 -10.45
N CYS A 141 21.80 -18.11 -9.48
CA CYS A 141 22.49 -18.27 -8.20
C CYS A 141 23.62 -19.28 -8.30
N TYR A 142 24.53 -19.20 -7.33
CA TYR A 142 25.61 -20.17 -7.16
C TYR A 142 26.44 -20.33 -8.44
N CYS A 143 26.82 -19.19 -9.00
CA CYS A 143 27.68 -19.12 -10.17
C CYS A 143 28.93 -18.32 -9.78
N ASP A 144 30.10 -18.94 -9.95
CA ASP A 144 31.31 -18.38 -9.34
C ASP A 144 31.96 -17.27 -10.18
N SER A 145 31.72 -17.24 -11.49
CA SER A 145 32.44 -16.30 -12.35
C SER A 145 31.49 -15.72 -13.38
N LEU A 146 31.79 -14.49 -13.81
CA LEU A 146 31.05 -13.89 -14.91
C LEU A 146 31.18 -14.71 -16.20
N GLU A 147 32.35 -15.28 -16.45
CA GLU A 147 32.52 -16.18 -17.59
C GLU A 147 31.53 -17.34 -17.51
N ASN A 148 31.48 -18.02 -16.36
CA ASN A 148 30.56 -19.15 -16.23
C ASN A 148 29.12 -18.71 -16.42
N LEU A 149 28.76 -17.54 -15.89
CA LEU A 149 27.41 -17.00 -16.08
C LEU A 149 27.08 -16.86 -17.57
N ALA A 150 27.92 -16.14 -18.31
CA ALA A 150 27.66 -15.89 -19.72
C ALA A 150 27.66 -17.19 -20.51
N ASP A 151 28.70 -18.01 -20.32
CA ASP A 151 28.81 -19.27 -21.03
C ASP A 151 27.60 -20.16 -20.75
N GLY A 152 27.15 -20.22 -19.50
CA GLY A 152 26.02 -21.04 -19.16
C GLY A 152 24.73 -20.58 -19.82
N TYR A 153 24.47 -19.26 -19.79
CA TYR A 153 23.25 -18.77 -20.42
C TYR A 153 23.25 -19.04 -21.92
N LYS A 154 24.38 -18.76 -22.59
CA LYS A 154 24.45 -19.03 -24.02
C LYS A 154 24.34 -20.52 -24.32
N HIS A 155 25.03 -21.34 -23.54
CA HIS A 155 25.02 -22.78 -23.74
C HIS A 155 23.61 -23.34 -23.61
N MET A 156 22.91 -22.97 -22.54
CA MET A 156 21.54 -23.45 -22.37
C MET A 156 20.64 -22.96 -23.50
N SER A 157 20.83 -21.71 -23.95
CA SER A 157 20.06 -21.23 -25.09
C SER A 157 20.23 -22.13 -26.30
N LEU A 158 21.49 -22.44 -26.63
CA LEU A 158 21.76 -23.26 -27.81
C LEU A 158 21.27 -24.69 -27.61
N ALA A 159 21.39 -25.23 -26.40
CA ALA A 159 20.91 -26.58 -26.13
C ALA A 159 19.40 -26.67 -26.30
N LEU A 160 18.68 -25.65 -25.83
CA LEU A 160 17.24 -25.63 -26.02
C LEU A 160 16.90 -25.58 -27.50
N ASN A 161 17.60 -24.73 -28.27
CA ASN A 161 17.39 -24.73 -29.71
C ASN A 161 17.64 -26.12 -30.29
N ARG A 162 18.69 -26.80 -29.84
CA ARG A 162 19.04 -28.10 -30.41
C ARG A 162 17.98 -29.16 -30.11
N THR A 163 17.26 -29.05 -29.00
CA THR A 163 16.21 -30.04 -28.76
C THR A 163 15.16 -30.05 -29.86
N GLY A 164 15.03 -28.97 -30.62
CA GLY A 164 13.99 -28.84 -31.62
C GLY A 164 12.61 -28.49 -31.10
N ARG A 165 12.43 -28.38 -29.78
CA ARG A 165 11.14 -27.98 -29.23
C ARG A 165 11.11 -26.46 -29.03
N SER A 166 9.97 -25.86 -29.37
CA SER A 166 9.76 -24.43 -29.11
C SER A 166 9.64 -24.21 -27.61
N ILE A 167 10.63 -23.54 -27.02
CA ILE A 167 10.67 -23.30 -25.58
C ILE A 167 11.03 -21.84 -25.34
N VAL A 168 10.12 -21.09 -24.73
CA VAL A 168 10.41 -19.72 -24.34
C VAL A 168 11.53 -19.72 -23.31
N TYR A 169 12.53 -18.87 -23.51
CA TYR A 169 13.75 -18.84 -22.69
C TYR A 169 13.79 -17.54 -21.90
N SER A 170 13.63 -17.64 -20.59
CA SER A 170 13.57 -16.49 -19.70
C SER A 170 14.84 -16.49 -18.83
N CYS A 171 15.62 -15.43 -18.93
CA CYS A 171 16.95 -15.35 -18.33
C CYS A 171 16.99 -14.32 -17.21
N GLU A 172 17.87 -14.56 -16.24
CA GLU A 172 18.18 -13.58 -15.21
C GLU A 172 19.59 -13.04 -15.35
N TRP A 173 20.25 -13.33 -16.46
CA TRP A 173 21.62 -12.96 -16.85
C TRP A 173 21.95 -11.50 -16.52
N PRO A 174 21.22 -10.51 -17.06
CA PRO A 174 21.59 -9.11 -16.76
C PRO A 174 21.59 -8.80 -15.28
N LEU A 175 20.56 -9.25 -14.55
CA LEU A 175 20.46 -8.98 -13.13
C LEU A 175 21.69 -9.46 -12.38
N TYR A 176 22.16 -10.67 -12.70
CA TYR A 176 23.32 -11.21 -11.99
C TYR A 176 24.63 -10.66 -12.53
N MET A 177 24.61 -9.96 -13.67
CA MET A 177 25.80 -9.31 -14.19
C MET A 177 26.01 -7.92 -13.61
N TRP A 178 24.94 -7.13 -13.51
CA TRP A 178 24.99 -5.70 -13.17
C TRP A 178 25.90 -5.27 -12.00
N PRO A 179 25.96 -6.01 -10.89
CA PRO A 179 26.88 -5.59 -9.81
C PRO A 179 28.34 -5.50 -10.23
N PHE A 180 28.74 -6.23 -11.27
CA PHE A 180 30.15 -6.38 -11.63
C PHE A 180 30.51 -5.69 -12.94
N GLN A 181 29.73 -5.90 -14.00
CA GLN A 181 29.98 -5.17 -15.25
C GLN A 181 28.65 -4.93 -15.95
N LYS A 182 28.67 -3.98 -16.86
CA LYS A 182 27.46 -3.59 -17.57
C LYS A 182 27.06 -4.69 -18.55
N PRO A 183 25.79 -5.12 -18.56
CA PRO A 183 25.37 -6.10 -19.56
C PRO A 183 25.42 -5.53 -20.97
N ASN A 184 25.77 -6.40 -21.93
CA ASN A 184 25.62 -6.09 -23.35
C ASN A 184 24.25 -6.66 -23.76
N TYR A 185 23.28 -5.76 -23.92
CA TYR A 185 21.90 -6.20 -24.14
C TYR A 185 21.68 -6.76 -25.53
N THR A 186 22.49 -6.33 -26.51
CA THR A 186 22.40 -6.93 -27.85
C THR A 186 22.68 -8.42 -27.78
N GLU A 187 23.72 -8.81 -27.05
CA GLU A 187 24.08 -10.21 -26.87
C GLU A 187 23.00 -10.97 -26.09
N ILE A 188 22.53 -10.39 -24.99
CA ILE A 188 21.48 -11.03 -24.21
C ILE A 188 20.26 -11.27 -25.08
N ARG A 189 19.83 -10.25 -25.82
CA ARG A 189 18.68 -10.41 -26.70
C ARG A 189 18.94 -11.48 -27.75
N GLN A 190 20.19 -11.58 -28.21
CA GLN A 190 20.56 -12.66 -29.12
C GLN A 190 20.25 -14.02 -28.51
N TYR A 191 20.37 -14.16 -27.20
CA TYR A 191 20.21 -15.48 -26.60
C TYR A 191 18.92 -15.70 -25.80
N CYS A 192 18.16 -14.65 -25.47
CA CYS A 192 17.05 -14.78 -24.52
C CYS A 192 15.77 -14.16 -25.08
N ASN A 193 14.62 -14.77 -24.70
CA ASN A 193 13.32 -14.21 -25.07
C ASN A 193 12.89 -13.07 -24.14
N HIS A 194 13.27 -13.12 -22.86
CA HIS A 194 13.20 -11.95 -22.01
C HIS A 194 14.16 -12.15 -20.85
N TRP A 195 14.46 -11.04 -20.15
CA TRP A 195 15.56 -11.04 -19.20
C TRP A 195 15.24 -10.14 -18.01
N ARG A 196 15.47 -10.67 -16.81
CA ARG A 196 15.29 -9.90 -15.59
C ARG A 196 16.41 -8.89 -15.41
N ASN A 197 16.04 -7.63 -15.19
CA ASN A 197 17.00 -6.55 -15.01
C ASN A 197 17.25 -6.19 -13.55
N PHE A 198 16.24 -6.30 -12.69
CA PHE A 198 16.26 -5.67 -11.37
C PHE A 198 15.88 -6.69 -10.30
N ALA A 199 16.06 -6.29 -9.04
CA ALA A 199 15.81 -7.14 -7.89
C ALA A 199 14.39 -7.69 -7.88
N ASP A 200 14.22 -8.84 -7.20
CA ASP A 200 12.93 -9.51 -7.11
C ASP A 200 11.85 -8.55 -6.61
N ILE A 201 10.67 -8.63 -7.24
CA ILE A 201 9.53 -7.89 -6.75
C ILE A 201 9.01 -8.55 -5.48
N ASP A 202 8.43 -7.74 -4.60
CA ASP A 202 7.62 -8.30 -3.52
C ASP A 202 6.28 -7.60 -3.49
N ASP A 203 5.50 -7.87 -2.45
CA ASP A 203 4.12 -7.40 -2.39
C ASP A 203 4.08 -6.02 -1.71
N SER A 204 4.67 -5.04 -2.38
CA SER A 204 4.78 -3.72 -1.77
C SER A 204 4.89 -2.63 -2.83
N TRP A 205 4.35 -1.46 -2.47
CA TRP A 205 4.45 -0.28 -3.31
C TRP A 205 5.89 0.20 -3.43
N LYS A 206 6.68 0.07 -2.36
CA LYS A 206 8.11 0.36 -2.43
C LYS A 206 8.77 -0.41 -3.56
N SER A 207 8.42 -1.69 -3.72
CA SER A 207 8.98 -2.52 -4.78
C SER A 207 8.63 -1.96 -6.16
N ILE A 208 7.34 -1.64 -6.36
CA ILE A 208 6.89 -1.05 -7.63
C ILE A 208 7.68 0.21 -7.93
N LYS A 209 7.75 1.12 -6.96
CA LYS A 209 8.44 2.40 -7.16
C LYS A 209 9.89 2.16 -7.56
N SER A 210 10.57 1.25 -6.86
CA SER A 210 11.99 1.07 -7.14
C SER A 210 12.22 0.42 -8.51
N ILE A 211 11.32 -0.49 -8.92
CA ILE A 211 11.43 -1.06 -10.26
C ILE A 211 11.23 0.02 -11.32
N LEU A 212 10.20 0.85 -11.14
CA LEU A 212 9.95 1.92 -12.11
C LEU A 212 11.12 2.90 -12.16
N ASP A 213 11.66 3.27 -11.00
CA ASP A 213 12.77 4.22 -10.94
C ASP A 213 14.01 3.65 -11.59
N TRP A 214 14.28 2.35 -11.38
CA TRP A 214 15.42 1.74 -12.04
C TRP A 214 15.23 1.72 -13.54
N THR A 215 14.03 1.35 -14.00
CA THR A 215 13.78 1.28 -15.44
C THR A 215 13.95 2.65 -16.09
N SER A 216 13.39 3.70 -15.47
CA SER A 216 13.52 5.02 -16.07
C SER A 216 14.94 5.55 -15.99
N PHE A 217 15.68 5.21 -14.93
CA PHE A 217 17.07 5.64 -14.82
C PHE A 217 17.94 5.01 -15.90
N ASN A 218 17.67 3.76 -16.27
CA ASN A 218 18.47 3.01 -17.22
C ASN A 218 17.86 2.97 -18.62
N GLN A 219 16.86 3.81 -18.91
CA GLN A 219 16.04 3.57 -20.09
C GLN A 219 16.83 3.77 -21.37
N GLU A 220 17.83 4.65 -21.36
CA GLU A 220 18.66 4.84 -22.55
C GLU A 220 19.36 3.54 -22.95
N ARG A 221 19.58 2.65 -21.99
CA ARG A 221 20.31 1.41 -22.23
C ARG A 221 19.43 0.22 -22.58
N ILE A 222 18.15 0.23 -22.21
CA ILE A 222 17.33 -0.98 -22.32
C ILE A 222 16.10 -0.81 -23.19
N VAL A 223 15.63 0.41 -23.45
CA VAL A 223 14.36 0.60 -24.14
C VAL A 223 14.44 0.14 -25.59
N ASP A 224 15.49 0.56 -26.31
CA ASP A 224 15.55 0.30 -27.74
C ASP A 224 15.87 -1.15 -28.07
N VAL A 225 16.50 -1.90 -27.16
CA VAL A 225 16.82 -3.30 -27.48
C VAL A 225 15.56 -4.15 -27.49
N ALA A 226 14.52 -3.74 -26.77
CA ALA A 226 13.34 -4.58 -26.65
C ALA A 226 12.53 -4.56 -27.96
N GLY A 227 11.82 -5.65 -28.19
CA GLY A 227 11.01 -5.81 -29.38
C GLY A 227 10.61 -7.26 -29.53
N PRO A 228 9.80 -7.57 -30.55
CA PRO A 228 9.34 -8.94 -30.75
C PRO A 228 10.46 -9.97 -30.63
N GLY A 229 10.29 -10.93 -29.72
CA GLY A 229 11.29 -11.94 -29.48
C GLY A 229 12.19 -11.69 -28.28
N GLY A 230 12.21 -10.46 -27.75
CA GLY A 230 13.11 -10.13 -26.66
C GLY A 230 12.66 -8.94 -25.86
N TRP A 231 12.29 -9.16 -24.59
CA TRP A 231 11.66 -8.14 -23.76
C TRP A 231 12.43 -7.93 -22.47
N ASN A 232 12.35 -6.72 -21.93
CA ASN A 232 12.79 -6.47 -20.57
C ASN A 232 11.74 -7.02 -19.61
N ASP A 233 12.21 -7.65 -18.53
CA ASP A 233 11.30 -8.28 -17.58
C ASP A 233 11.40 -7.58 -16.23
N PRO A 234 10.45 -6.71 -15.89
CA PRO A 234 10.45 -6.06 -14.58
C PRO A 234 9.87 -6.89 -13.44
N ASP A 235 9.65 -8.19 -13.69
CA ASP A 235 9.17 -9.19 -12.75
C ASP A 235 7.65 -9.24 -12.65
N MET A 236 7.14 -10.07 -11.74
CA MET A 236 5.76 -10.53 -11.79
C MET A 236 4.77 -9.43 -11.45
N LEU A 237 3.56 -9.57 -11.99
CA LEU A 237 2.43 -8.80 -11.50
C LEU A 237 1.99 -9.34 -10.14
N VAL A 238 1.86 -8.44 -9.17
CA VAL A 238 1.43 -8.83 -7.83
C VAL A 238 0.03 -8.29 -7.53
N ILE A 239 -0.69 -7.85 -8.56
CA ILE A 239 -2.08 -7.47 -8.41
C ILE A 239 -2.87 -8.66 -7.88
N GLY A 240 -3.76 -8.39 -6.93
CA GLY A 240 -4.60 -9.44 -6.37
C GLY A 240 -4.11 -10.03 -5.07
N ASN A 241 -2.97 -9.60 -4.56
CA ASN A 241 -2.42 -10.09 -3.30
C ASN A 241 -2.78 -9.10 -2.18
N PHE A 242 -1.83 -8.61 -1.38
CA PHE A 242 -2.14 -7.98 -0.11
C PHE A 242 -1.50 -6.62 0.11
N GLY A 243 -0.41 -6.30 -0.57
CA GLY A 243 0.39 -5.14 -0.22
C GLY A 243 0.11 -3.88 -1.01
N LEU A 244 -0.64 -3.98 -2.10
CA LEU A 244 -0.90 -2.85 -2.98
C LEU A 244 -2.33 -2.35 -2.79
N SER A 245 -2.47 -1.04 -2.62
CA SER A 245 -3.79 -0.43 -2.71
C SER A 245 -4.29 -0.51 -4.15
N TRP A 246 -5.59 -0.22 -4.33
CA TRP A 246 -6.18 -0.26 -5.66
C TRP A 246 -5.41 0.63 -6.64
N ASN A 247 -5.08 1.85 -6.23
CA ASN A 247 -4.39 2.76 -7.13
C ASN A 247 -2.98 2.29 -7.45
N GLN A 248 -2.32 1.61 -6.49
CA GLN A 248 -0.99 1.06 -6.77
C GLN A 248 -1.08 -0.13 -7.72
N GLN A 249 -2.13 -0.94 -7.60
CA GLN A 249 -2.36 -2.01 -8.56
C GLN A 249 -2.60 -1.45 -9.96
N VAL A 250 -3.40 -0.39 -10.05
CA VAL A 250 -3.62 0.29 -11.33
C VAL A 250 -2.30 0.76 -11.91
N THR A 251 -1.46 1.38 -11.07
CA THR A 251 -0.16 1.83 -11.54
C THR A 251 0.68 0.67 -12.10
N GLN A 252 0.69 -0.47 -11.40
CA GLN A 252 1.49 -1.58 -11.91
C GLN A 252 0.95 -2.08 -13.25
N MET A 253 -0.37 -2.26 -13.35
CA MET A 253 -0.94 -2.76 -14.60
C MET A 253 -0.65 -1.81 -15.76
N ALA A 254 -0.94 -0.52 -15.56
CA ALA A 254 -0.72 0.48 -16.60
C ALA A 254 0.73 0.51 -17.04
N LEU A 255 1.66 0.50 -16.09
CA LEU A 255 3.05 0.69 -16.49
C LEU A 255 3.69 -0.59 -16.99
N TRP A 256 3.20 -1.76 -16.57
CA TRP A 256 3.65 -2.99 -17.22
C TRP A 256 3.15 -3.05 -18.65
N ALA A 257 2.01 -2.41 -18.93
CA ALA A 257 1.57 -2.27 -20.32
C ALA A 257 2.48 -1.32 -21.08
N ILE A 258 2.79 -0.16 -20.48
CA ILE A 258 3.68 0.81 -21.13
C ILE A 258 5.04 0.20 -21.43
N MET A 259 5.57 -0.61 -20.50
CA MET A 259 6.93 -1.11 -20.63
C MET A 259 7.05 -2.33 -21.51
N ALA A 260 5.97 -2.78 -22.15
CA ALA A 260 5.96 -3.99 -22.97
C ALA A 260 6.62 -5.13 -22.22
N ALA A 261 6.19 -5.30 -20.98
CA ALA A 261 6.65 -6.27 -20.01
C ALA A 261 5.92 -7.61 -20.19
N PRO A 262 6.59 -8.72 -19.97
CA PRO A 262 5.85 -9.98 -19.80
C PRO A 262 4.90 -9.84 -18.63
N LEU A 263 3.72 -10.41 -18.77
CA LEU A 263 2.67 -10.31 -17.75
C LEU A 263 2.53 -11.68 -17.09
N PHE A 264 3.35 -11.92 -16.07
CA PHE A 264 3.25 -13.12 -15.25
C PHE A 264 2.58 -12.76 -13.94
N MET A 265 1.29 -13.08 -13.83
CA MET A 265 0.61 -12.98 -12.55
C MET A 265 1.25 -13.90 -11.52
N SER A 266 1.37 -13.41 -10.28
CA SER A 266 1.75 -14.27 -9.16
C SER A 266 0.78 -13.98 -8.03
N ASN A 267 -0.32 -14.73 -7.98
CA ASN A 267 -1.39 -14.53 -7.02
C ASN A 267 -2.06 -15.87 -6.77
N ASP A 268 -3.17 -15.85 -6.03
CA ASP A 268 -3.96 -17.05 -5.80
C ASP A 268 -5.26 -16.92 -6.60
N LEU A 269 -5.31 -17.61 -7.74
CA LEU A 269 -6.49 -17.58 -8.60
C LEU A 269 -7.73 -18.13 -7.89
N ARG A 270 -7.55 -18.89 -6.80
CA ARG A 270 -8.68 -19.40 -6.05
C ARG A 270 -9.31 -18.35 -5.15
N HIS A 271 -8.57 -17.28 -4.82
CA HIS A 271 -9.01 -16.26 -3.86
C HIS A 271 -8.55 -14.90 -4.37
N ILE A 272 -9.31 -14.34 -5.32
CA ILE A 272 -8.96 -13.06 -5.93
C ILE A 272 -10.22 -12.23 -6.10
N SER A 273 -10.12 -10.95 -5.76
CA SER A 273 -11.28 -10.08 -5.76
C SER A 273 -11.78 -9.83 -7.18
N PRO A 274 -13.08 -9.62 -7.35
CA PRO A 274 -13.60 -9.29 -8.70
C PRO A 274 -12.91 -8.08 -9.30
N GLN A 275 -12.56 -7.11 -8.47
CA GLN A 275 -11.93 -5.88 -8.94
C GLN A 275 -10.53 -6.15 -9.49
N ALA A 276 -9.73 -6.95 -8.77
CA ALA A 276 -8.41 -7.30 -9.25
C ALA A 276 -8.50 -8.14 -10.53
N LYS A 277 -9.47 -9.06 -10.57
CA LYS A 277 -9.66 -9.88 -11.76
C LYS A 277 -10.00 -9.03 -12.97
N ALA A 278 -10.91 -8.06 -12.80
CA ALA A 278 -11.27 -7.17 -13.90
C ALA A 278 -10.08 -6.33 -14.35
N LEU A 279 -9.25 -5.89 -13.41
CA LEU A 279 -8.06 -5.12 -13.80
C LEU A 279 -7.09 -5.97 -14.61
N LEU A 280 -6.76 -7.17 -14.10
CA LEU A 280 -5.82 -8.04 -14.80
C LEU A 280 -6.36 -8.54 -16.14
N GLN A 281 -7.67 -8.56 -16.32
CA GLN A 281 -8.28 -9.05 -17.54
C GLN A 281 -8.73 -7.92 -18.46
N ASP A 282 -8.34 -6.68 -18.15
CA ASP A 282 -8.73 -5.51 -18.92
C ASP A 282 -8.28 -5.63 -20.37
N LYS A 283 -9.24 -5.78 -21.29
CA LYS A 283 -8.92 -6.07 -22.68
C LYS A 283 -8.11 -4.94 -23.32
N ASP A 284 -8.47 -3.69 -23.04
CA ASP A 284 -7.80 -2.56 -23.69
C ASP A 284 -6.37 -2.41 -23.20
N VAL A 285 -6.15 -2.59 -21.89
CA VAL A 285 -4.80 -2.47 -21.34
C VAL A 285 -3.92 -3.62 -21.83
N ILE A 286 -4.46 -4.84 -21.84
CA ILE A 286 -3.70 -5.97 -22.36
C ILE A 286 -3.36 -5.75 -23.83
N ALA A 287 -4.33 -5.24 -24.60
CA ALA A 287 -4.08 -4.95 -26.01
C ALA A 287 -2.93 -3.98 -26.17
N ILE A 288 -2.85 -2.97 -25.29
CA ILE A 288 -1.69 -2.09 -25.31
C ILE A 288 -0.42 -2.89 -25.04
N ASN A 289 -0.42 -3.69 -23.96
CA ASN A 289 0.76 -4.48 -23.64
C ASN A 289 1.13 -5.42 -24.79
N GLN A 290 0.13 -5.96 -25.48
CA GLN A 290 0.33 -6.94 -26.53
C GLN A 290 0.44 -6.33 -27.92
N ASP A 291 0.65 -5.02 -28.02
CA ASP A 291 0.66 -4.35 -29.30
C ASP A 291 1.67 -5.00 -30.24
N PRO A 292 1.26 -5.42 -31.44
CA PRO A 292 2.17 -6.21 -32.30
C PRO A 292 3.42 -5.46 -32.73
N LEU A 293 3.36 -4.12 -32.77
CA LEU A 293 4.57 -3.34 -33.06
C LEU A 293 5.69 -3.67 -32.08
N GLY A 294 5.37 -3.86 -30.81
CA GLY A 294 6.36 -4.28 -29.84
C GLY A 294 7.44 -3.26 -29.52
N LYS A 295 7.10 -1.98 -29.49
CA LYS A 295 8.05 -0.94 -29.12
C LYS A 295 7.83 -0.59 -27.65
N GLN A 296 8.87 -0.74 -26.84
CA GLN A 296 8.75 -0.45 -25.42
C GLN A 296 8.63 1.04 -25.18
N GLY A 297 7.73 1.40 -24.26
CA GLY A 297 7.56 2.80 -23.89
C GLY A 297 8.66 3.26 -22.97
N TYR A 298 8.52 4.50 -22.52
CA TYR A 298 9.61 5.17 -21.82
C TYR A 298 9.04 6.32 -21.01
N GLN A 299 9.86 6.84 -20.09
CA GLN A 299 9.47 7.99 -19.31
C GLN A 299 9.74 9.26 -20.12
N LEU A 300 8.68 10.02 -20.40
CA LEU A 300 8.83 11.27 -21.12
C LEU A 300 9.20 12.42 -20.19
N ARG A 301 8.57 12.48 -19.02
CA ARG A 301 8.71 13.63 -18.15
C ARG A 301 8.69 13.21 -16.69
N GLN A 302 9.30 14.05 -15.85
CA GLN A 302 9.40 13.77 -14.42
C GLN A 302 9.59 15.10 -13.72
N GLY A 303 8.76 15.36 -12.71
CA GLY A 303 8.83 16.62 -11.99
C GLY A 303 7.58 16.93 -11.20
N ASP A 304 7.72 17.66 -10.09
CA ASP A 304 6.60 18.00 -9.21
C ASP A 304 5.89 16.75 -8.71
N ASN A 305 6.67 15.69 -8.46
CA ASN A 305 6.17 14.39 -8.03
C ASN A 305 5.17 13.81 -9.02
N PHE A 306 5.29 14.21 -10.30
CA PHE A 306 4.55 13.64 -11.40
C PHE A 306 5.51 12.94 -12.34
N GLU A 307 5.02 11.90 -13.00
CA GLU A 307 5.74 11.23 -14.06
C GLU A 307 4.83 11.09 -15.27
N VAL A 308 5.38 11.30 -16.46
CA VAL A 308 4.69 11.01 -17.71
C VAL A 308 5.51 9.99 -18.49
N TRP A 309 4.89 8.86 -18.81
CA TRP A 309 5.45 7.83 -19.66
C TRP A 309 4.60 7.73 -20.92
N GLU A 310 5.20 7.25 -22.01
CA GLU A 310 4.44 7.05 -23.23
C GLU A 310 5.05 5.91 -24.02
N ARG A 311 4.22 5.28 -24.85
CA ARG A 311 4.57 4.14 -25.68
C ARG A 311 3.97 4.26 -27.08
N PRO A 312 4.78 4.18 -28.13
CA PRO A 312 4.23 4.18 -29.48
C PRO A 312 3.58 2.83 -29.81
N LEU A 313 2.41 2.90 -30.45
CA LEU A 313 1.62 1.73 -30.78
C LEU A 313 1.46 1.61 -32.30
N SER A 314 0.92 0.47 -32.72
CA SER A 314 0.60 0.24 -34.12
C SER A 314 -0.41 1.27 -34.63
N GLY A 315 -0.28 1.62 -35.90
CA GLY A 315 -1.27 2.47 -36.55
C GLY A 315 -1.41 3.88 -36.02
N LEU A 316 -0.28 4.54 -35.74
CA LEU A 316 -0.24 5.93 -35.31
C LEU A 316 -0.95 6.17 -33.98
N ALA A 317 -1.13 5.14 -33.17
CA ALA A 317 -1.70 5.32 -31.84
C ALA A 317 -0.56 5.41 -30.82
N TRP A 318 -0.88 6.01 -29.68
CA TRP A 318 0.08 6.11 -28.58
C TRP A 318 -0.63 5.77 -27.27
N ALA A 319 0.11 5.20 -26.33
CA ALA A 319 -0.33 5.07 -24.95
C ALA A 319 0.41 6.07 -24.08
N VAL A 320 -0.28 6.70 -23.14
CA VAL A 320 0.30 7.70 -22.25
C VAL A 320 -0.12 7.39 -20.82
N ALA A 321 0.84 7.33 -19.91
CA ALA A 321 0.59 7.08 -18.50
C ALA A 321 1.08 8.27 -17.68
N MET A 322 0.27 8.69 -16.72
CA MET A 322 0.61 9.79 -15.83
C MET A 322 0.51 9.31 -14.39
N ILE A 323 1.64 9.33 -13.68
CA ILE A 323 1.74 8.85 -12.30
C ILE A 323 1.83 10.03 -11.37
N ASN A 324 1.11 9.94 -10.25
CA ASN A 324 1.23 10.88 -9.14
C ASN A 324 2.05 10.21 -8.05
N ARG A 325 3.29 10.68 -7.87
CA ARG A 325 4.20 10.08 -6.88
C ARG A 325 4.13 10.78 -5.52
N GLN A 326 3.29 11.79 -5.36
CA GLN A 326 3.08 12.43 -4.06
C GLN A 326 2.16 11.55 -3.22
N GLU A 327 2.66 11.09 -2.06
CA GLU A 327 1.94 10.13 -1.24
C GLU A 327 1.22 10.80 -0.07
N ILE A 328 0.61 11.96 -0.33
CA ILE A 328 -0.16 12.69 0.67
C ILE A 328 -1.14 13.56 -0.09
N GLY A 329 -2.24 13.93 0.56
CA GLY A 329 -3.22 14.78 -0.09
C GLY A 329 -4.22 13.99 -0.92
N GLY A 330 -4.77 14.65 -1.93
CA GLY A 330 -5.82 14.06 -2.74
C GLY A 330 -5.47 14.06 -4.21
N PRO A 331 -6.46 13.79 -5.07
CA PRO A 331 -6.20 13.79 -6.52
C PRO A 331 -5.61 15.12 -6.95
N ARG A 332 -4.47 15.05 -7.63
CA ARG A 332 -3.68 16.22 -7.98
C ARG A 332 -3.77 16.49 -9.48
N SER A 333 -3.91 17.76 -9.83
CA SER A 333 -4.05 18.16 -11.22
C SER A 333 -2.72 18.18 -11.96
N TYR A 334 -2.74 17.65 -13.18
CA TYR A 334 -1.59 17.65 -14.07
C TYR A 334 -2.07 18.03 -15.47
N THR A 335 -1.35 18.94 -16.13
CA THR A 335 -1.66 19.33 -17.49
C THR A 335 -0.40 19.26 -18.35
N ILE A 336 -0.60 18.89 -19.61
CA ILE A 336 0.49 18.82 -20.57
C ILE A 336 -0.07 19.13 -21.95
N ALA A 337 0.72 19.83 -22.77
CA ALA A 337 0.31 20.07 -24.15
C ALA A 337 0.34 18.76 -24.93
N VAL A 338 -0.75 18.47 -25.65
CA VAL A 338 -0.80 17.23 -26.41
C VAL A 338 0.26 17.21 -27.51
N ALA A 339 0.69 18.39 -27.96
CA ALA A 339 1.77 18.45 -28.95
C ALA A 339 3.09 17.95 -28.38
N SER A 340 3.23 17.96 -27.05
CA SER A 340 4.42 17.42 -26.40
C SER A 340 4.39 15.90 -26.28
N LEU A 341 3.29 15.26 -26.66
CA LEU A 341 3.13 13.82 -26.55
C LEU A 341 3.42 13.15 -27.88
N GLY A 342 3.76 11.87 -27.82
CA GLY A 342 4.04 11.09 -29.02
C GLY A 342 5.00 11.76 -29.98
N LYS A 343 6.05 12.40 -29.45
CA LYS A 343 7.08 13.07 -30.25
C LYS A 343 6.49 14.14 -31.15
N GLY A 344 5.35 14.71 -30.77
CA GLY A 344 4.70 15.72 -31.58
C GLY A 344 3.91 15.21 -32.75
N VAL A 345 3.77 13.89 -32.90
CA VAL A 345 3.07 13.29 -34.03
C VAL A 345 1.69 12.79 -33.62
N ALA A 346 1.55 12.38 -32.36
CA ALA A 346 0.33 11.69 -31.92
C ALA A 346 -0.93 12.51 -32.21
N CYS A 347 -0.89 13.82 -31.95
CA CYS A 347 -2.08 14.66 -32.04
C CYS A 347 -1.94 15.75 -33.09
N ASN A 348 -1.27 15.44 -34.20
CA ASN A 348 -1.15 16.36 -35.32
C ASN A 348 -1.84 15.75 -36.54
N PRO A 349 -2.94 16.34 -37.03
CA PRO A 349 -3.49 17.63 -36.59
C PRO A 349 -4.35 17.51 -35.33
N ALA A 350 -4.86 16.32 -35.05
CA ALA A 350 -5.64 16.10 -33.84
C ALA A 350 -5.57 14.63 -33.46
N CYS A 351 -6.09 14.33 -32.27
CA CYS A 351 -6.22 12.95 -31.80
C CYS A 351 -7.51 12.83 -31.00
N PHE A 352 -8.07 11.63 -30.99
CA PHE A 352 -9.10 11.26 -30.05
C PHE A 352 -8.45 10.54 -28.87
N ILE A 353 -8.79 10.97 -27.66
CA ILE A 353 -8.17 10.45 -26.45
C ILE A 353 -9.21 9.68 -25.65
N THR A 354 -8.87 8.44 -25.29
CA THR A 354 -9.71 7.62 -24.45
C THR A 354 -8.93 7.24 -23.20
N GLN A 355 -9.44 7.63 -22.03
CA GLN A 355 -8.88 7.14 -20.79
C GLN A 355 -9.30 5.69 -20.59
N LEU A 356 -8.35 4.85 -20.20
CA LEU A 356 -8.59 3.43 -19.95
C LEU A 356 -8.55 3.08 -18.47
N LEU A 357 -7.69 3.74 -17.71
CA LEU A 357 -7.50 3.52 -16.28
C LEU A 357 -7.44 4.87 -15.58
N PRO A 358 -7.92 4.96 -14.33
CA PRO A 358 -8.54 3.91 -13.51
C PRO A 358 -9.92 3.45 -14.00
N VAL A 359 -10.60 4.29 -14.77
CA VAL A 359 -11.88 3.96 -15.38
C VAL A 359 -11.81 4.33 -16.86
N LYS A 360 -12.65 3.67 -17.65
CA LYS A 360 -12.70 3.93 -19.09
C LYS A 360 -13.65 5.09 -19.37
N ARG A 361 -13.14 6.11 -20.05
CA ARG A 361 -13.91 7.32 -20.35
C ARG A 361 -13.39 7.91 -21.64
N LYS A 362 -14.28 8.11 -22.62
CA LYS A 362 -13.91 8.88 -23.80
C LYS A 362 -13.73 10.33 -23.39
N LEU A 363 -12.54 10.91 -23.65
CA LEU A 363 -12.32 12.30 -23.30
C LEU A 363 -12.60 13.25 -24.46
N GLY A 364 -12.52 12.78 -25.69
CA GLY A 364 -12.95 13.53 -26.86
C GLY A 364 -11.79 13.87 -27.77
N PHE A 365 -12.06 14.78 -28.71
CA PHE A 365 -11.06 15.19 -29.67
C PHE A 365 -10.18 16.29 -29.09
N TYR A 366 -8.88 16.16 -29.30
CA TYR A 366 -7.89 17.14 -28.88
C TYR A 366 -7.13 17.63 -30.11
N GLU A 367 -7.15 18.94 -30.33
CA GLU A 367 -6.43 19.53 -31.44
C GLU A 367 -4.95 19.69 -31.09
N TRP A 368 -4.13 19.84 -32.13
CA TRP A 368 -2.69 19.98 -31.92
C TRP A 368 -2.36 21.09 -30.94
N THR A 369 -3.24 22.08 -30.81
CA THR A 369 -3.03 23.19 -29.90
C THR A 369 -3.52 22.90 -28.48
N SER A 370 -4.17 21.75 -28.27
CA SER A 370 -4.87 21.52 -27.01
C SER A 370 -3.92 21.17 -25.88
N ARG A 371 -4.47 21.23 -24.67
CA ARG A 371 -3.79 20.76 -23.47
C ARG A 371 -4.65 19.69 -22.81
N LEU A 372 -4.01 18.62 -22.38
CA LEU A 372 -4.66 17.54 -21.65
C LEU A 372 -4.52 17.81 -20.16
N ARG A 373 -5.65 17.93 -19.47
CA ARG A 373 -5.69 18.12 -18.03
C ARG A 373 -6.33 16.91 -17.37
N SER A 374 -5.73 16.45 -16.28
CA SER A 374 -6.17 15.24 -15.60
C SER A 374 -5.97 15.43 -14.10
N HIS A 375 -6.73 14.66 -13.32
CA HIS A 375 -6.52 14.54 -11.89
C HIS A 375 -6.08 13.12 -11.59
N ILE A 376 -4.96 12.98 -10.89
CA ILE A 376 -4.33 11.68 -10.66
C ILE A 376 -4.26 11.45 -9.17
N ASN A 377 -4.71 10.27 -8.74
CA ASN A 377 -4.71 9.91 -7.33
C ASN A 377 -3.29 9.69 -6.83
N PRO A 378 -3.02 10.00 -5.56
CA PRO A 378 -1.74 9.64 -4.95
C PRO A 378 -1.43 8.16 -5.12
N THR A 379 -0.24 7.89 -5.66
CA THR A 379 0.28 6.57 -6.01
C THR A 379 -0.51 5.90 -7.13
N GLY A 380 -1.49 6.60 -7.71
CA GLY A 380 -2.25 6.09 -8.84
C GLY A 380 -1.69 6.53 -10.19
N THR A 381 -2.28 5.99 -11.24
CA THR A 381 -1.88 6.28 -12.61
C THR A 381 -3.11 6.49 -13.48
N VAL A 382 -3.05 7.48 -14.37
CA VAL A 382 -4.05 7.66 -15.43
C VAL A 382 -3.44 7.15 -16.73
N LEU A 383 -4.12 6.19 -17.37
CA LEU A 383 -3.66 5.60 -18.62
C LEU A 383 -4.60 6.04 -19.74
N LEU A 384 -4.02 6.52 -20.84
CA LEU A 384 -4.76 7.07 -21.96
C LEU A 384 -4.27 6.43 -23.26
N GLN A 385 -5.19 6.27 -24.20
CA GLN A 385 -4.86 5.90 -25.57
C GLN A 385 -5.22 7.06 -26.50
N LEU A 386 -4.26 7.44 -27.33
CA LEU A 386 -4.40 8.55 -28.27
C LEU A 386 -4.44 7.96 -29.67
N GLU A 387 -5.47 8.31 -30.43
CA GLU A 387 -5.66 7.87 -31.80
C GLU A 387 -5.59 9.09 -32.71
N ASN A 388 -4.58 9.14 -33.57
CA ASN A 388 -4.48 10.25 -34.49
C ASN A 388 -5.67 10.22 -35.45
N THR A 389 -6.22 11.41 -35.75
CA THR A 389 -7.37 11.48 -36.64
C THR A 389 -7.05 11.07 -38.07
N MET A 390 -5.79 10.72 -38.35
CA MET A 390 -5.31 10.23 -39.65
C MET A 390 -5.25 11.37 -40.67
N LEU B 1 -4.85 16.53 31.15
CA LEU B 1 -5.62 17.74 31.41
C LEU B 1 -6.95 17.40 32.08
N ASP B 2 -7.12 17.87 33.31
CA ASP B 2 -8.32 17.59 34.10
C ASP B 2 -9.38 18.67 33.87
N ASN B 3 -9.88 18.74 32.63
CA ASN B 3 -11.00 19.60 32.30
C ASN B 3 -12.31 18.82 32.13
N GLY B 4 -12.32 17.55 32.53
CA GLY B 4 -13.49 16.71 32.37
C GLY B 4 -13.76 16.23 30.96
N LEU B 5 -12.89 16.57 30.00
CA LEU B 5 -13.07 16.20 28.61
C LEU B 5 -12.14 15.05 28.25
N ALA B 6 -12.42 14.43 27.10
CA ALA B 6 -11.60 13.36 26.56
C ALA B 6 -11.43 12.21 27.56
N ARG B 7 -12.52 11.84 28.22
CA ARG B 7 -12.48 10.68 29.12
C ARG B 7 -12.29 9.39 28.35
N THR B 8 -12.67 9.35 27.08
CA THR B 8 -12.23 8.38 26.10
C THR B 8 -11.53 9.13 24.98
N PRO B 9 -10.72 8.46 24.16
CA PRO B 9 -10.05 9.16 23.07
C PRO B 9 -11.04 9.88 22.17
N THR B 10 -10.72 11.13 21.85
CA THR B 10 -11.57 11.95 20.99
C THR B 10 -11.73 11.34 19.60
N MET B 11 -12.95 11.38 19.07
CA MET B 11 -13.24 10.89 17.74
C MET B 11 -13.79 12.03 16.88
N GLY B 12 -13.32 12.11 15.64
CA GLY B 12 -13.76 13.17 14.76
C GLY B 12 -13.08 13.11 13.41
N TRP B 13 -13.04 14.27 12.76
CA TRP B 13 -12.54 14.42 11.39
C TRP B 13 -11.68 15.67 11.32
N LEU B 14 -10.53 15.55 10.67
CA LEU B 14 -9.52 16.59 10.59
C LEU B 14 -9.06 16.67 9.13
N HIS B 15 -8.98 17.89 8.59
CA HIS B 15 -8.85 18.02 7.15
C HIS B 15 -7.42 17.86 6.64
N TRP B 16 -6.41 17.83 7.52
CA TRP B 16 -5.04 18.10 7.09
C TRP B 16 -4.53 17.10 6.06
N GLU B 17 -4.52 15.81 6.39
CA GLU B 17 -3.84 14.85 5.53
C GLU B 17 -4.44 14.83 4.13
N ARG B 18 -5.77 14.85 4.02
CA ARG B 18 -6.42 14.72 2.72
C ARG B 18 -6.44 16.05 1.97
N PHE B 19 -6.61 17.17 2.67
CA PHE B 19 -6.79 18.44 1.98
C PHE B 19 -5.67 19.45 2.19
N MET B 20 -4.85 19.30 3.23
CA MET B 20 -3.64 20.08 3.40
C MET B 20 -3.91 21.58 3.34
N CYS B 21 -3.05 22.33 2.66
CA CYS B 21 -3.19 23.78 2.59
C CYS B 21 -3.55 24.23 1.18
N ASN B 22 -4.59 23.63 0.60
CA ASN B 22 -5.02 24.00 -0.76
C ASN B 22 -5.79 25.31 -0.68
N LEU B 23 -5.19 26.38 -1.22
CA LEU B 23 -5.81 27.70 -1.20
C LEU B 23 -6.43 28.09 -2.54
N ASP B 24 -6.25 27.26 -3.57
CA ASP B 24 -6.67 27.60 -4.94
C ASP B 24 -8.13 27.19 -5.12
N CYS B 25 -9.03 28.04 -4.63
CA CYS B 25 -10.45 27.74 -4.77
C CYS B 25 -10.99 27.99 -6.17
N GLN B 26 -10.24 28.70 -7.02
CA GLN B 26 -10.67 28.92 -8.38
C GLN B 26 -10.44 27.68 -9.25
N GLU B 27 -9.22 27.15 -9.22
CA GLU B 27 -8.85 25.99 -10.03
C GLU B 27 -9.08 24.66 -9.33
N GLU B 28 -9.14 24.64 -7.99
CA GLU B 28 -9.38 23.41 -7.24
C GLU B 28 -10.47 23.67 -6.19
N PRO B 29 -11.69 24.00 -6.61
CA PRO B 29 -12.75 24.31 -5.64
C PRO B 29 -13.11 23.17 -4.71
N ASP B 30 -13.04 21.92 -5.17
CA ASP B 30 -13.57 20.83 -4.38
C ASP B 30 -12.63 20.38 -3.28
N SER B 31 -11.38 20.83 -3.28
CA SER B 31 -10.43 20.46 -2.25
C SER B 31 -9.75 21.66 -1.59
N CYS B 32 -10.16 22.88 -1.90
CA CYS B 32 -9.59 24.02 -1.20
C CYS B 32 -10.19 24.14 0.19
N ILE B 33 -9.42 24.72 1.12
CA ILE B 33 -9.85 24.87 2.51
C ILE B 33 -10.87 26.01 2.57
N SER B 34 -12.15 25.66 2.61
CA SER B 34 -13.21 26.65 2.56
C SER B 34 -14.34 26.26 3.51
N GLU B 35 -15.18 27.24 3.84
CA GLU B 35 -16.30 26.97 4.72
C GLU B 35 -17.30 26.01 4.09
N LYS B 36 -17.42 26.04 2.76
CA LYS B 36 -18.34 25.13 2.08
C LYS B 36 -17.91 23.68 2.27
N LEU B 37 -16.60 23.44 2.22
CA LEU B 37 -16.08 22.09 2.45
C LEU B 37 -16.50 21.57 3.82
N PHE B 38 -16.39 22.41 4.85
CA PHE B 38 -16.71 21.97 6.20
C PHE B 38 -18.21 21.81 6.39
N MET B 39 -19.02 22.68 5.77
CA MET B 39 -20.47 22.50 5.81
C MET B 39 -20.86 21.16 5.22
N GLU B 40 -20.34 20.84 4.04
CA GLU B 40 -20.67 19.58 3.40
C GLU B 40 -20.17 18.40 4.20
N MET B 41 -18.94 18.48 4.72
CA MET B 41 -18.41 17.41 5.56
C MET B 41 -19.29 17.17 6.76
N ALA B 42 -19.81 18.24 7.38
CA ALA B 42 -20.71 18.08 8.52
C ALA B 42 -22.00 17.38 8.10
N GLU B 43 -22.57 17.81 6.96
CA GLU B 43 -23.79 17.16 6.49
C GLU B 43 -23.59 15.67 6.29
N LEU B 44 -22.48 15.29 5.67
CA LEU B 44 -22.26 13.86 5.47
C LEU B 44 -21.91 13.13 6.77
N MET B 45 -21.25 13.81 7.71
CA MET B 45 -21.02 13.19 9.01
C MET B 45 -22.33 12.80 9.66
N VAL B 46 -23.35 13.64 9.52
CA VAL B 46 -24.66 13.28 10.05
C VAL B 46 -25.33 12.21 9.17
N SER B 47 -25.45 12.47 7.88
CA SER B 47 -26.29 11.63 7.02
C SER B 47 -25.70 10.24 6.79
N GLU B 48 -24.37 10.12 6.78
CA GLU B 48 -23.72 8.85 6.46
C GLU B 48 -23.35 8.04 7.69
N GLY B 49 -23.84 8.41 8.88
CA GLY B 49 -23.70 7.58 10.05
C GLY B 49 -22.42 7.76 10.84
N TRP B 50 -21.60 8.75 10.48
CA TRP B 50 -20.35 8.95 11.21
C TRP B 50 -20.61 9.43 12.63
N LYS B 51 -21.55 10.37 12.80
CA LYS B 51 -21.90 10.85 14.13
C LYS B 51 -22.42 9.71 15.00
N ASP B 52 -23.27 8.86 14.43
CA ASP B 52 -23.78 7.70 15.17
C ASP B 52 -22.64 6.79 15.63
N ALA B 53 -21.62 6.62 14.80
CA ALA B 53 -20.50 5.76 15.16
C ALA B 53 -19.64 6.35 16.26
N GLY B 54 -19.69 7.67 16.46
CA GLY B 54 -18.96 8.30 17.53
C GLY B 54 -18.06 9.43 17.07
N TYR B 55 -17.94 9.61 15.77
CA TYR B 55 -17.12 10.69 15.22
C TYR B 55 -17.88 12.00 15.38
N GLU B 56 -17.43 12.83 16.31
CA GLU B 56 -18.18 13.97 16.81
C GLU B 56 -17.55 15.31 16.51
N TYR B 57 -16.22 15.39 16.41
CA TYR B 57 -15.51 16.66 16.27
C TYR B 57 -15.13 16.89 14.81
N LEU B 58 -15.75 17.90 14.21
CA LEU B 58 -15.37 18.36 12.88
C LEU B 58 -14.29 19.43 13.07
N CYS B 59 -13.07 19.14 12.64
CA CYS B 59 -11.91 19.94 13.02
C CYS B 59 -11.29 20.61 11.80
N ILE B 60 -11.09 21.92 11.91
CA ILE B 60 -10.33 22.68 10.93
C ILE B 60 -8.87 22.61 11.31
N ASP B 61 -8.01 22.32 10.33
CA ASP B 61 -6.57 22.36 10.56
C ASP B 61 -6.02 23.69 10.05
N ASP B 62 -4.75 23.72 9.67
CA ASP B 62 -4.11 24.95 9.25
C ASP B 62 -4.73 25.51 7.97
N CYS B 63 -4.50 26.81 7.75
CA CYS B 63 -4.89 27.55 6.54
C CYS B 63 -6.36 27.91 6.51
N TRP B 64 -6.93 28.31 7.66
CA TRP B 64 -8.24 28.91 7.70
C TRP B 64 -8.21 30.42 7.93
N MET B 65 -7.06 30.97 8.33
CA MET B 65 -6.95 32.34 8.78
C MET B 65 -6.81 33.32 7.62
N ALA B 66 -7.19 34.56 7.87
CA ALA B 66 -6.79 35.66 7.00
C ALA B 66 -5.30 35.92 7.20
N PRO B 67 -4.65 36.57 6.23
CA PRO B 67 -3.19 36.73 6.32
C PRO B 67 -2.71 37.45 7.57
N GLN B 68 -3.51 38.34 8.16
CA GLN B 68 -3.12 39.05 9.37
C GLN B 68 -4.36 39.32 10.22
N ARG B 69 -4.10 39.76 11.46
CA ARG B 69 -5.18 40.01 12.41
C ARG B 69 -5.93 41.29 12.04
N ASP B 70 -7.08 41.48 12.68
CA ASP B 70 -7.93 42.62 12.42
C ASP B 70 -7.45 43.86 13.19
N SER B 71 -8.26 44.91 13.19
CA SER B 71 -7.93 46.12 13.91
C SER B 71 -7.90 45.88 15.41
N GLU B 72 -8.83 45.06 15.90
CA GLU B 72 -8.95 44.78 17.33
C GLU B 72 -7.90 43.77 17.81
N GLY B 73 -6.97 43.39 16.95
CA GLY B 73 -5.91 42.46 17.27
C GLY B 73 -6.30 41.01 17.33
N ARG B 74 -7.50 40.65 16.89
CA ARG B 74 -7.95 39.26 16.91
C ARG B 74 -7.73 38.59 15.55
N LEU B 75 -7.62 37.27 15.60
CA LEU B 75 -7.61 36.47 14.38
C LEU B 75 -8.96 36.59 13.67
N GLN B 76 -8.92 36.49 12.35
CA GLN B 76 -10.12 36.46 11.54
C GLN B 76 -10.01 35.34 10.51
N ALA B 77 -11.16 34.78 10.16
CA ALA B 77 -11.19 33.79 9.09
C ALA B 77 -10.93 34.48 7.76
N ASP B 78 -10.39 33.71 6.81
CA ASP B 78 -10.10 34.27 5.50
C ASP B 78 -11.37 34.86 4.88
N PRO B 79 -11.35 36.12 4.45
CA PRO B 79 -12.58 36.71 3.89
C PRO B 79 -13.12 35.99 2.67
N GLN B 80 -12.25 35.52 1.78
CA GLN B 80 -12.75 34.90 0.55
C GLN B 80 -13.25 33.48 0.81
N ARG B 81 -12.47 32.68 1.53
CA ARG B 81 -12.80 31.26 1.70
C ARG B 81 -13.74 30.99 2.87
N PHE B 82 -13.78 31.86 3.87
CA PHE B 82 -14.73 31.74 4.98
C PHE B 82 -15.51 33.04 5.14
N PRO B 83 -16.29 33.44 4.13
CA PRO B 83 -16.97 34.75 4.20
C PRO B 83 -17.93 34.89 5.37
N HIS B 84 -18.54 33.80 5.83
CA HIS B 84 -19.54 33.88 6.88
C HIS B 84 -18.96 33.72 8.29
N GLY B 85 -17.68 33.41 8.41
CA GLY B 85 -17.02 33.45 9.70
C GLY B 85 -17.21 32.22 10.56
N ILE B 86 -16.33 32.11 11.56
CA ILE B 86 -16.25 30.91 12.38
C ILE B 86 -17.46 30.81 13.29
N ARG B 87 -17.98 31.93 13.78
CA ARG B 87 -19.16 31.87 14.65
C ARG B 87 -20.32 31.21 13.94
N GLN B 88 -20.57 31.60 12.69
CA GLN B 88 -21.65 31.01 11.92
C GLN B 88 -21.35 29.56 11.55
N LEU B 89 -20.10 29.27 11.18
CA LEU B 89 -19.76 27.87 10.89
C LEU B 89 -20.00 26.99 12.12
N ALA B 90 -19.59 27.48 13.30
CA ALA B 90 -19.83 26.74 14.55
C ALA B 90 -21.31 26.58 14.84
N ASN B 91 -22.11 27.63 14.62
CA ASN B 91 -23.55 27.51 14.79
C ASN B 91 -24.10 26.40 13.90
N TYR B 92 -23.68 26.39 12.64
CA TYR B 92 -24.14 25.37 11.70
C TYR B 92 -23.72 23.97 12.16
N VAL B 93 -22.45 23.82 12.56
CA VAL B 93 -21.95 22.53 13.02
C VAL B 93 -22.70 22.05 14.26
N HIS B 94 -23.00 22.96 15.19
CA HIS B 94 -23.75 22.58 16.38
C HIS B 94 -25.18 22.19 16.03
N SER B 95 -25.78 22.86 15.03
CA SER B 95 -27.15 22.53 14.65
C SER B 95 -27.27 21.12 14.11
N LYS B 96 -26.18 20.54 13.63
CA LYS B 96 -26.16 19.14 13.22
C LYS B 96 -25.80 18.19 14.35
N GLY B 97 -25.64 18.70 15.57
CA GLY B 97 -25.26 17.86 16.69
C GLY B 97 -23.78 17.56 16.79
N LEU B 98 -22.93 18.35 16.15
CA LEU B 98 -21.51 18.11 16.11
C LEU B 98 -20.77 19.21 16.86
N LYS B 99 -19.48 19.01 17.06
CA LYS B 99 -18.61 19.98 17.70
C LYS B 99 -17.52 20.41 16.73
N LEU B 100 -17.07 21.66 16.89
CA LEU B 100 -16.13 22.27 15.95
C LEU B 100 -14.75 22.41 16.57
N GLY B 101 -13.75 21.88 15.87
CA GLY B 101 -12.36 22.08 16.24
C GLY B 101 -11.70 23.08 15.31
N ILE B 102 -10.69 23.78 15.84
CA ILE B 102 -9.93 24.75 15.06
C ILE B 102 -8.45 24.58 15.38
N TYR B 103 -7.61 25.33 14.67
CA TYR B 103 -6.17 25.19 14.71
C TYR B 103 -5.52 26.53 15.01
N ALA B 104 -4.40 26.48 15.74
CA ALA B 104 -3.56 27.65 15.96
C ALA B 104 -2.14 27.17 16.27
N ASP B 105 -1.23 28.12 16.50
CA ASP B 105 0.18 27.79 16.65
C ASP B 105 0.78 28.57 17.82
N VAL B 106 1.61 27.88 18.61
CA VAL B 106 2.21 28.47 19.80
C VAL B 106 3.19 29.58 19.46
N GLY B 107 3.80 29.52 18.28
CA GLY B 107 4.84 30.46 17.91
C GLY B 107 4.31 31.69 17.22
N ASN B 108 5.18 32.36 16.47
CA ASN B 108 4.82 33.59 15.78
C ASN B 108 4.03 33.36 14.51
N LYS B 109 4.01 32.13 13.99
CA LYS B 109 3.27 31.83 12.77
C LYS B 109 2.85 30.36 12.79
N THR B 110 1.77 30.06 12.08
CA THR B 110 1.44 28.67 11.83
C THR B 110 2.47 28.06 10.88
N CYS B 111 2.52 26.73 10.85
CA CYS B 111 3.47 26.05 9.99
C CYS B 111 3.31 26.46 8.53
N ALA B 112 2.09 26.80 8.12
CA ALA B 112 1.85 27.28 6.76
C ALA B 112 2.09 28.78 6.60
N GLY B 113 2.37 29.50 7.67
CA GLY B 113 2.75 30.88 7.58
C GLY B 113 1.70 31.91 7.95
N PHE B 114 0.60 31.48 8.56
CA PHE B 114 -0.47 32.38 8.96
C PHE B 114 -0.25 32.83 10.40
N PRO B 115 -1.01 33.85 10.88
CA PRO B 115 -0.74 34.41 12.22
C PRO B 115 -0.60 33.39 13.34
N GLY B 116 0.53 33.47 14.04
CA GLY B 116 0.73 32.69 15.24
C GLY B 116 0.06 33.34 16.44
N SER B 117 0.04 32.59 17.55
CA SER B 117 -0.66 33.01 18.75
C SER B 117 0.25 33.56 19.84
N PHE B 118 1.57 33.50 19.66
CA PHE B 118 2.47 34.08 20.65
C PHE B 118 2.15 35.56 20.83
N GLY B 119 2.03 35.98 22.10
CA GLY B 119 1.64 37.33 22.42
C GLY B 119 0.16 37.57 22.48
N TYR B 120 -0.66 36.61 22.02
CA TYR B 120 -2.11 36.78 21.96
C TYR B 120 -2.85 35.61 22.59
N TYR B 121 -2.18 34.83 23.44
CA TYR B 121 -2.76 33.58 23.93
C TYR B 121 -4.14 33.81 24.56
N ASP B 122 -4.28 34.86 25.37
CA ASP B 122 -5.54 35.08 26.06
C ASP B 122 -6.60 35.59 25.10
N ILE B 123 -6.23 36.52 24.22
CA ILE B 123 -7.18 37.02 23.23
C ILE B 123 -7.60 35.90 22.30
N ASP B 124 -6.66 35.05 21.89
CA ASP B 124 -7.01 33.97 20.97
C ASP B 124 -7.90 32.94 21.64
N ALA B 125 -7.60 32.58 22.90
CA ALA B 125 -8.47 31.67 23.63
C ALA B 125 -9.88 32.24 23.74
N GLN B 126 -9.99 33.52 24.11
CA GLN B 126 -11.32 34.11 24.25
C GLN B 126 -12.02 34.25 22.91
N THR B 127 -11.27 34.53 21.84
CA THR B 127 -11.83 34.56 20.50
C THR B 127 -12.48 33.23 20.17
N PHE B 128 -11.71 32.14 20.32
CA PHE B 128 -12.24 30.81 20.03
C PHE B 128 -13.47 30.52 20.88
N ALA B 129 -13.42 30.87 22.16
CA ALA B 129 -14.55 30.60 23.05
C ALA B 129 -15.79 31.38 22.62
N ASP B 130 -15.62 32.66 22.27
CA ASP B 130 -16.73 33.46 21.76
C ASP B 130 -17.31 32.85 20.49
N TRP B 131 -16.45 32.32 19.62
CA TRP B 131 -16.91 31.73 18.37
C TRP B 131 -17.69 30.45 18.58
N GLY B 132 -17.55 29.81 19.75
CA GLY B 132 -18.17 28.52 19.98
C GLY B 132 -17.28 27.33 19.65
N VAL B 133 -15.97 27.52 19.62
CA VAL B 133 -15.04 26.43 19.34
C VAL B 133 -15.06 25.42 20.47
N ASP B 134 -15.05 24.13 20.12
CA ASP B 134 -15.07 23.05 21.09
C ASP B 134 -13.76 22.27 21.18
N LEU B 135 -12.80 22.54 20.30
CA LEU B 135 -11.51 21.86 20.33
C LEU B 135 -10.47 22.76 19.68
N LEU B 136 -9.25 22.75 20.22
CA LEU B 136 -8.14 23.47 19.64
C LEU B 136 -6.95 22.55 19.43
N LYS B 137 -6.46 22.49 18.20
CA LYS B 137 -5.19 21.88 17.88
C LYS B 137 -4.12 22.97 17.85
N PHE B 138 -3.08 22.80 18.65
CA PHE B 138 -2.08 23.84 18.87
C PHE B 138 -0.73 23.37 18.36
N ASP B 139 -0.29 23.94 17.24
CA ASP B 139 0.92 23.51 16.56
C ASP B 139 2.15 24.22 17.15
N GLY B 140 3.33 23.72 16.78
CA GLY B 140 4.56 24.20 17.38
C GLY B 140 5.59 24.84 16.47
N CYS B 141 5.19 25.27 15.26
CA CYS B 141 6.16 25.84 14.35
C CYS B 141 6.55 27.25 14.76
N TYR B 142 7.69 27.70 14.24
CA TYR B 142 8.16 29.08 14.42
C TYR B 142 8.27 29.43 15.91
N CYS B 143 8.86 28.50 16.66
CA CYS B 143 9.13 28.69 18.08
C CYS B 143 10.62 28.46 18.30
N ASP B 144 11.31 29.45 18.84
CA ASP B 144 12.76 29.44 18.87
C ASP B 144 13.36 28.68 20.05
N SER B 145 12.63 28.56 21.16
CA SER B 145 13.22 28.00 22.37
C SER B 145 12.24 27.10 23.10
N LEU B 146 12.79 26.10 23.81
CA LEU B 146 11.98 25.31 24.72
C LEU B 146 11.29 26.20 25.74
N GLU B 147 11.97 27.29 26.12
CA GLU B 147 11.40 28.32 26.97
C GLU B 147 10.02 28.74 26.45
N ASN B 148 10.02 29.22 25.20
CA ASN B 148 8.78 29.72 24.59
C ASN B 148 7.79 28.59 24.33
N LEU B 149 8.27 27.45 23.83
CA LEU B 149 7.37 26.32 23.54
C LEU B 149 6.59 25.91 24.79
N ALA B 150 7.30 25.60 25.87
CA ALA B 150 6.65 25.15 27.09
C ALA B 150 5.75 26.24 27.67
N ASP B 151 6.29 27.46 27.80
CA ASP B 151 5.48 28.54 28.36
C ASP B 151 4.21 28.77 27.55
N GLY B 152 4.32 28.73 26.22
CA GLY B 152 3.16 28.94 25.38
C GLY B 152 2.12 27.85 25.53
N TYR B 153 2.55 26.58 25.54
CA TYR B 153 1.57 25.50 25.68
C TYR B 153 0.85 25.58 27.02
N LYS B 154 1.60 25.78 28.11
CA LYS B 154 0.98 25.92 29.43
C LYS B 154 0.05 27.13 29.46
N HIS B 155 0.51 28.23 28.89
CA HIS B 155 -0.25 29.48 28.89
C HIS B 155 -1.57 29.31 28.15
N MET B 156 -1.53 28.76 26.94
CA MET B 156 -2.76 28.57 26.16
C MET B 156 -3.70 27.61 26.88
N SER B 157 -3.16 26.58 27.54
CA SER B 157 -4.02 25.71 28.33
C SER B 157 -4.79 26.51 29.38
N LEU B 158 -4.06 27.33 30.15
CA LEU B 158 -4.72 28.10 31.21
C LEU B 158 -5.65 29.17 30.63
N ALA B 159 -5.27 29.76 29.50
CA ALA B 159 -6.11 30.76 28.86
C ALA B 159 -7.42 30.17 28.40
N LEU B 160 -7.39 28.96 27.85
CA LEU B 160 -8.62 28.27 27.48
C LEU B 160 -9.46 27.99 28.71
N ASN B 161 -8.81 27.53 29.79
CA ASN B 161 -9.54 27.31 31.04
C ASN B 161 -10.24 28.59 31.50
N ARG B 162 -9.57 29.74 31.36
CA ARG B 162 -10.11 30.99 31.89
C ARG B 162 -11.45 31.34 31.26
N THR B 163 -11.66 30.95 30.00
CA THR B 163 -12.90 31.25 29.29
C THR B 163 -14.11 30.60 29.93
N GLY B 164 -13.93 29.53 30.70
CA GLY B 164 -15.06 28.80 31.22
C GLY B 164 -15.76 27.91 30.22
N ARG B 165 -15.32 27.90 28.96
CA ARG B 165 -15.88 27.01 27.95
C ARG B 165 -15.09 25.72 27.87
N SER B 166 -15.80 24.61 27.75
CA SER B 166 -15.18 23.30 27.58
C SER B 166 -14.56 23.19 26.19
N ILE B 167 -13.23 23.14 26.12
CA ILE B 167 -12.49 23.06 24.87
C ILE B 167 -11.44 21.97 24.99
N VAL B 168 -11.56 20.93 24.15
CA VAL B 168 -10.53 19.91 24.08
C VAL B 168 -9.24 20.55 23.58
N TYR B 169 -8.13 20.25 24.26
CA TYR B 169 -6.84 20.87 23.99
C TYR B 169 -5.90 19.82 23.43
N SER B 170 -5.54 19.96 22.16
CA SER B 170 -4.68 19.03 21.44
C SER B 170 -3.34 19.69 21.16
N CYS B 171 -2.27 19.09 21.67
CA CYS B 171 -0.94 19.69 21.67
C CYS B 171 0.01 18.90 20.77
N GLU B 172 0.99 19.60 20.20
CA GLU B 172 2.08 18.97 19.48
C GLU B 172 3.42 19.13 20.19
N TRP B 173 3.39 19.60 21.43
CA TRP B 173 4.49 19.91 22.35
C TRP B 173 5.58 18.83 22.35
N PRO B 174 5.26 17.57 22.68
CA PRO B 174 6.33 16.55 22.71
C PRO B 174 7.08 16.43 21.40
N LEU B 175 6.34 16.40 20.28
CA LEU B 175 6.95 16.26 18.97
C LEU B 175 7.96 17.37 18.70
N TYR B 176 7.62 18.61 19.08
CA TYR B 176 8.50 19.73 18.85
C TYR B 176 9.59 19.87 19.91
N MET B 177 9.57 19.04 20.96
CA MET B 177 10.68 19.07 21.91
C MET B 177 11.86 18.24 21.43
N TRP B 178 11.60 17.10 20.78
CA TRP B 178 12.60 16.09 20.41
C TRP B 178 13.90 16.67 19.85
N PRO B 179 13.86 17.73 19.02
CA PRO B 179 15.13 18.35 18.59
C PRO B 179 16.01 18.84 19.74
N PHE B 180 15.44 19.13 20.91
CA PHE B 180 16.21 19.69 22.01
C PHE B 180 16.36 18.72 23.18
N GLN B 181 15.26 18.21 23.73
CA GLN B 181 15.36 17.31 24.87
C GLN B 181 14.13 16.42 24.96
N LYS B 182 14.26 15.34 25.75
CA LYS B 182 13.17 14.40 25.92
C LYS B 182 12.01 15.04 26.70
N PRO B 183 10.78 14.83 26.26
CA PRO B 183 9.62 15.37 26.97
C PRO B 183 9.43 14.78 28.37
N ASN B 184 8.94 15.63 29.27
CA ASN B 184 8.42 15.21 30.57
C ASN B 184 6.92 14.99 30.36
N TYR B 185 6.52 13.73 30.26
CA TYR B 185 5.14 13.43 29.85
C TYR B 185 4.13 13.66 30.97
N THR B 186 4.53 13.53 32.24
CA THR B 186 3.60 13.89 33.31
C THR B 186 3.22 15.37 33.22
N GLU B 187 4.20 16.23 32.94
CA GLU B 187 3.93 17.66 32.81
C GLU B 187 3.04 17.94 31.61
N ILE B 188 3.35 17.34 30.46
CA ILE B 188 2.52 17.53 29.27
C ILE B 188 1.09 17.08 29.55
N ARG B 189 0.94 15.90 30.15
CA ARG B 189 -0.39 15.38 30.47
C ARG B 189 -1.14 16.32 31.40
N GLN B 190 -0.43 17.01 32.28
CA GLN B 190 -1.07 18.00 33.14
C GLN B 190 -1.81 19.07 32.33
N TYR B 191 -1.30 19.44 31.16
CA TYR B 191 -1.83 20.57 30.40
C TYR B 191 -2.63 20.21 29.16
N CYS B 192 -2.55 18.96 28.67
CA CYS B 192 -3.09 18.63 27.36
C CYS B 192 -4.02 17.44 27.44
N ASN B 193 -5.06 17.45 26.57
CA ASN B 193 -5.96 16.30 26.46
C ASN B 193 -5.39 15.20 25.60
N HIS B 194 -4.60 15.54 24.58
CA HIS B 194 -3.77 14.57 23.90
C HIS B 194 -2.65 15.32 23.17
N TRP B 195 -1.62 14.57 22.80
CA TRP B 195 -0.37 15.16 22.35
C TRP B 195 0.26 14.32 21.25
N ARG B 196 0.65 15.00 20.17
CA ARG B 196 1.35 14.33 19.08
C ARG B 196 2.78 14.00 19.49
N ASN B 197 3.16 12.75 19.29
CA ASN B 197 4.50 12.28 19.65
C ASN B 197 5.47 12.22 18.47
N PHE B 198 4.98 11.91 17.26
CA PHE B 198 5.83 11.50 16.17
C PHE B 198 5.50 12.31 14.92
N ALA B 199 6.35 12.19 13.90
CA ALA B 199 6.23 12.95 12.67
C ALA B 199 4.85 12.75 12.02
N ASP B 200 4.46 13.75 11.22
CA ASP B 200 3.19 13.74 10.52
C ASP B 200 3.00 12.46 9.72
N ILE B 201 1.79 11.89 9.80
CA ILE B 201 1.45 10.76 8.97
C ILE B 201 1.22 11.22 7.53
N ASP B 202 1.50 10.32 6.57
CA ASP B 202 1.02 10.54 5.22
C ASP B 202 0.27 9.30 4.73
N ASP B 203 -0.08 9.27 3.45
CA ASP B 203 -0.94 8.22 2.90
C ASP B 203 -0.10 7.05 2.40
N SER B 204 0.56 6.36 3.34
CA SER B 204 1.47 5.31 2.93
C SER B 204 1.65 4.28 4.05
N TRP B 205 1.88 3.04 3.63
CA TRP B 205 2.19 1.96 4.57
C TRP B 205 3.50 2.20 5.29
N LYS B 206 4.48 2.79 4.60
CA LYS B 206 5.73 3.19 5.26
C LYS B 206 5.45 4.06 6.47
N SER B 207 4.51 5.00 6.35
CA SER B 207 4.15 5.87 7.46
C SER B 207 3.58 5.09 8.63
N ILE B 208 2.61 4.21 8.37
CA ILE B 208 2.02 3.38 9.41
C ILE B 208 3.12 2.61 10.14
N LYS B 209 3.96 1.92 9.37
CA LYS B 209 5.04 1.12 9.94
C LYS B 209 5.93 1.98 10.84
N SER B 210 6.30 3.18 10.37
CA SER B 210 7.24 3.97 11.15
C SER B 210 6.59 4.51 12.42
N ILE B 211 5.30 4.86 12.37
CA ILE B 211 4.60 5.27 13.58
C ILE B 211 4.54 4.11 14.58
N LEU B 212 4.19 2.92 14.10
CA LEU B 212 4.10 1.77 15.00
C LEU B 212 5.46 1.42 15.60
N ASP B 213 6.50 1.43 14.78
CA ASP B 213 7.83 1.07 15.26
C ASP B 213 8.35 2.09 16.27
N TRP B 214 8.06 3.38 16.03
CA TRP B 214 8.44 4.38 17.02
C TRP B 214 7.68 4.16 18.32
N THR B 215 6.37 3.91 18.22
CA THR B 215 5.55 3.72 19.42
C THR B 215 6.04 2.54 20.24
N SER B 216 6.28 1.40 19.59
CA SER B 216 6.72 0.22 20.32
C SER B 216 8.14 0.37 20.84
N PHE B 217 8.98 1.12 20.12
CA PHE B 217 10.34 1.37 20.61
C PHE B 217 10.32 2.23 21.87
N ASN B 218 9.40 3.18 21.95
CA ASN B 218 9.33 4.13 23.05
C ASN B 218 8.25 3.78 24.07
N GLN B 219 7.73 2.56 24.04
CA GLN B 219 6.49 2.28 24.75
C GLN B 219 6.67 2.35 26.27
N GLU B 220 7.85 2.01 26.78
CA GLU B 220 8.11 2.17 28.21
C GLU B 220 8.01 3.63 28.66
N ARG B 221 8.20 4.57 27.74
CA ARG B 221 8.18 5.99 28.10
C ARG B 221 6.80 6.63 27.99
N ILE B 222 5.89 6.08 27.18
CA ILE B 222 4.64 6.78 26.88
C ILE B 222 3.39 5.98 27.23
N VAL B 223 3.44 4.65 27.34
CA VAL B 223 2.20 3.88 27.46
C VAL B 223 1.50 4.19 28.77
N ASP B 224 2.24 4.20 29.87
CA ASP B 224 1.62 4.37 31.19
C ASP B 224 1.12 5.79 31.40
N VAL B 225 1.63 6.77 30.64
CA VAL B 225 1.18 8.14 30.83
C VAL B 225 -0.27 8.32 30.36
N ALA B 226 -0.71 7.49 29.43
CA ALA B 226 -2.02 7.67 28.83
C ALA B 226 -3.11 7.19 29.77
N GLY B 227 -4.30 7.77 29.60
CA GLY B 227 -5.46 7.44 30.40
C GLY B 227 -6.52 8.50 30.22
N PRO B 228 -7.70 8.30 30.84
CA PRO B 228 -8.79 9.28 30.70
C PRO B 228 -8.34 10.71 30.93
N GLY B 229 -8.55 11.56 29.93
CA GLY B 229 -8.16 12.95 30.00
C GLY B 229 -6.86 13.28 29.32
N GLY B 230 -6.06 12.28 28.96
CA GLY B 230 -4.76 12.51 28.37
C GLY B 230 -4.25 11.32 27.57
N TRP B 231 -4.14 11.46 26.26
CA TRP B 231 -3.85 10.35 25.37
C TRP B 231 -2.62 10.65 24.52
N ASN B 232 -1.92 9.58 24.14
CA ASN B 232 -0.93 9.70 23.09
C ASN B 232 -1.62 9.81 21.75
N ASP B 233 -1.12 10.69 20.89
CA ASP B 233 -1.74 10.91 19.58
C ASP B 233 -0.79 10.46 18.48
N PRO B 234 -1.01 9.29 17.87
CA PRO B 234 -0.16 8.84 16.75
C PRO B 234 -0.54 9.40 15.40
N ASP B 235 -1.42 10.42 15.37
CA ASP B 235 -1.85 11.16 14.18
C ASP B 235 -3.03 10.50 13.49
N MET B 236 -3.48 11.09 12.38
CA MET B 236 -4.80 10.83 11.84
C MET B 236 -4.94 9.44 11.24
N LEU B 237 -6.18 8.93 11.24
CA LEU B 237 -6.55 7.79 10.43
C LEU B 237 -6.61 8.19 8.96
N VAL B 238 -5.94 7.43 8.11
CA VAL B 238 -5.92 7.70 6.67
C VAL B 238 -6.68 6.63 5.89
N ILE B 239 -7.46 5.79 6.58
CA ILE B 239 -8.32 4.85 5.89
C ILE B 239 -9.28 5.60 4.99
N GLY B 240 -9.50 5.09 3.79
CA GLY B 240 -10.41 5.69 2.84
C GLY B 240 -9.77 6.56 1.79
N ASN B 241 -8.45 6.73 1.82
CA ASN B 241 -7.74 7.52 0.83
C ASN B 241 -7.16 6.58 -0.23
N PHE B 242 -5.86 6.61 -0.54
CA PHE B 242 -5.35 5.98 -1.74
C PHE B 242 -4.13 5.09 -1.54
N GLY B 243 -3.37 5.26 -0.46
CA GLY B 243 -2.07 4.64 -0.36
C GLY B 243 -1.98 3.33 0.39
N LEU B 244 -3.04 2.97 1.12
CA LEU B 244 -3.06 1.76 1.93
C LEU B 244 -3.91 0.68 1.25
N SER B 245 -3.38 -0.53 1.18
CA SER B 245 -4.19 -1.68 0.81
C SER B 245 -5.20 -1.97 1.91
N TRP B 246 -6.17 -2.83 1.59
CA TRP B 246 -7.20 -3.21 2.57
C TRP B 246 -6.58 -3.74 3.85
N ASN B 247 -5.58 -4.63 3.72
CA ASN B 247 -4.98 -5.20 4.92
C ASN B 247 -4.21 -4.15 5.71
N GLN B 248 -3.62 -3.16 5.03
CA GLN B 248 -2.93 -2.09 5.74
C GLN B 248 -3.91 -1.17 6.44
N GLN B 249 -5.08 -0.94 5.83
CA GLN B 249 -6.14 -0.18 6.50
C GLN B 249 -6.61 -0.90 7.75
N VAL B 250 -6.82 -2.22 7.64
CA VAL B 250 -7.19 -3.03 8.80
C VAL B 250 -6.14 -2.90 9.88
N THR B 251 -4.86 -2.97 9.50
CA THR B 251 -3.79 -2.83 10.49
C THR B 251 -3.87 -1.48 11.20
N GLN B 252 -4.10 -0.39 10.46
CA GLN B 252 -4.16 0.91 11.13
C GLN B 252 -5.35 0.98 12.08
N MET B 253 -6.52 0.55 11.64
CA MET B 253 -7.70 0.60 12.51
C MET B 253 -7.48 -0.24 13.77
N ALA B 254 -7.06 -1.49 13.60
CA ALA B 254 -6.82 -2.38 14.73
C ALA B 254 -5.84 -1.77 15.72
N LEU B 255 -4.74 -1.21 15.24
CA LEU B 255 -3.72 -0.77 16.17
C LEU B 255 -4.00 0.61 16.76
N TRP B 256 -4.76 1.46 16.05
CA TRP B 256 -5.23 2.68 16.70
C TRP B 256 -6.23 2.33 17.80
N ALA B 257 -6.94 1.21 17.65
CA ALA B 257 -7.75 0.73 18.76
C ALA B 257 -6.88 0.23 19.91
N ILE B 258 -5.83 -0.54 19.58
CA ILE B 258 -4.93 -1.06 20.61
C ILE B 258 -4.28 0.08 21.40
N MET B 259 -3.88 1.15 20.71
CA MET B 259 -3.10 2.22 21.32
C MET B 259 -3.91 3.27 22.05
N ALA B 260 -5.23 3.09 22.18
CA ALA B 260 -6.10 4.10 22.80
C ALA B 260 -5.85 5.46 22.17
N ALA B 261 -5.80 5.48 20.85
CA ALA B 261 -5.50 6.67 20.08
C ALA B 261 -6.77 7.49 19.84
N PRO B 262 -6.66 8.81 19.80
CA PRO B 262 -7.74 9.61 19.21
C PRO B 262 -7.96 9.15 17.77
N LEU B 263 -9.21 9.11 17.36
CA LEU B 263 -9.57 8.64 16.02
C LEU B 263 -10.04 9.85 15.23
N PHE B 264 -9.09 10.54 14.60
CA PHE B 264 -9.38 11.64 13.68
C PHE B 264 -9.22 11.13 12.26
N MET B 265 -10.34 10.86 11.60
CA MET B 265 -10.33 10.55 10.17
C MET B 265 -9.82 11.76 9.39
N SER B 266 -9.00 11.52 8.38
CA SER B 266 -8.63 12.55 7.41
C SER B 266 -8.82 11.98 6.01
N ASN B 267 -10.01 12.18 5.46
CA ASN B 267 -10.41 11.63 4.17
C ASN B 267 -11.45 12.56 3.57
N ASP B 268 -12.06 12.14 2.46
CA ASP B 268 -13.17 12.85 1.85
C ASP B 268 -14.42 11.99 2.04
N LEU B 269 -15.25 12.36 3.01
CA LEU B 269 -16.47 11.61 3.29
C LEU B 269 -17.41 11.56 2.09
N ARG B 270 -17.22 12.45 1.11
CA ARG B 270 -18.02 12.44 -0.10
C ARG B 270 -17.61 11.36 -1.09
N HIS B 271 -16.39 10.82 -0.97
CA HIS B 271 -15.85 9.86 -1.93
C HIS B 271 -15.08 8.81 -1.12
N ILE B 272 -15.81 7.87 -0.54
CA ILE B 272 -15.21 6.84 0.29
C ILE B 272 -15.90 5.51 0.01
N SER B 273 -15.10 4.46 -0.14
CA SER B 273 -15.64 3.16 -0.50
C SER B 273 -16.50 2.60 0.63
N PRO B 274 -17.52 1.81 0.30
CA PRO B 274 -18.32 1.16 1.37
C PRO B 274 -17.47 0.32 2.32
N GLN B 275 -16.43 -0.31 1.81
CA GLN B 275 -15.59 -1.18 2.63
C GLN B 275 -14.81 -0.36 3.66
N ALA B 276 -14.23 0.76 3.24
CA ALA B 276 -13.53 1.64 4.18
C ALA B 276 -14.49 2.23 5.19
N LYS B 277 -15.70 2.55 4.76
CA LYS B 277 -16.70 3.08 5.68
C LYS B 277 -17.06 2.04 6.74
N ALA B 278 -17.28 0.80 6.32
CA ALA B 278 -17.61 -0.25 7.27
C ALA B 278 -16.48 -0.48 8.25
N LEU B 279 -15.23 -0.40 7.77
CA LEU B 279 -14.10 -0.54 8.69
C LEU B 279 -14.07 0.62 9.70
N LEU B 280 -14.16 1.85 9.21
CA LEU B 280 -14.11 3.02 10.09
C LEU B 280 -15.30 3.11 11.03
N GLN B 281 -16.43 2.50 10.68
CA GLN B 281 -17.62 2.53 11.50
C GLN B 281 -17.83 1.23 12.29
N ASP B 282 -16.81 0.36 12.30
CA ASP B 282 -16.88 -0.93 12.97
C ASP B 282 -17.15 -0.76 14.47
N LYS B 283 -18.34 -1.17 14.90
CA LYS B 283 -18.79 -0.88 16.26
C LYS B 283 -17.89 -1.54 17.31
N ASP B 284 -17.50 -2.80 17.08
CA ASP B 284 -16.70 -3.53 18.07
C ASP B 284 -15.30 -2.95 18.20
N VAL B 285 -14.68 -2.59 17.08
CA VAL B 285 -13.33 -2.03 17.12
C VAL B 285 -13.35 -0.65 17.78
N ILE B 286 -14.33 0.18 17.44
CA ILE B 286 -14.48 1.47 18.09
C ILE B 286 -14.69 1.27 19.59
N ALA B 287 -15.50 0.28 19.96
CA ALA B 287 -15.71 -0.03 21.37
C ALA B 287 -14.40 -0.38 22.07
N ILE B 288 -13.52 -1.11 21.39
CA ILE B 288 -12.19 -1.36 21.95
C ILE B 288 -11.45 -0.05 22.16
N ASN B 289 -11.41 0.79 21.12
CA ASN B 289 -10.70 2.07 21.24
C ASN B 289 -11.29 2.92 22.36
N GLN B 290 -12.61 2.86 22.55
CA GLN B 290 -13.32 3.70 23.50
C GLN B 290 -13.50 3.04 24.86
N ASP B 291 -12.78 1.95 25.14
CA ASP B 291 -12.99 1.19 26.36
C ASP B 291 -12.85 2.08 27.59
N PRO B 292 -13.82 2.07 28.51
CA PRO B 292 -13.81 3.04 29.62
C PRO B 292 -12.62 2.90 30.56
N LEU B 293 -11.99 1.72 30.66
CA LEU B 293 -10.78 1.60 31.46
C LEU B 293 -9.71 2.59 31.01
N GLY B 294 -9.59 2.80 29.69
CA GLY B 294 -8.68 3.81 29.18
C GLY B 294 -7.21 3.52 29.41
N LYS B 295 -6.83 2.25 29.40
CA LYS B 295 -5.43 1.85 29.52
C LYS B 295 -4.89 1.54 28.14
N GLN B 296 -3.82 2.23 27.75
CA GLN B 296 -3.22 2.04 26.44
C GLN B 296 -2.55 0.67 26.34
N GLY B 297 -2.71 0.03 25.19
CA GLY B 297 -2.05 -1.24 24.92
C GLY B 297 -0.59 -1.06 24.55
N TYR B 298 0.05 -2.17 24.18
CA TYR B 298 1.49 -2.20 24.02
C TYR B 298 1.87 -3.39 23.15
N GLN B 299 3.12 -3.40 22.70
CA GLN B 299 3.66 -4.53 21.95
C GLN B 299 4.10 -5.62 22.92
N LEU B 300 3.47 -6.79 22.82
CA LEU B 300 3.84 -7.90 23.69
C LEU B 300 5.03 -8.67 23.14
N ARG B 301 5.06 -8.91 21.83
CA ARG B 301 6.07 -9.76 21.22
C ARG B 301 6.45 -9.24 19.86
N GLN B 302 7.65 -9.62 19.42
CA GLN B 302 8.19 -9.19 18.14
C GLN B 302 9.22 -10.23 17.70
N GLY B 303 9.09 -10.70 16.46
CA GLY B 303 10.05 -11.66 15.96
C GLY B 303 9.56 -12.45 14.76
N ASP B 304 10.51 -12.83 13.89
CA ASP B 304 10.19 -13.58 12.67
C ASP B 304 9.19 -12.80 11.81
N ASN B 305 9.36 -11.48 11.76
CA ASN B 305 8.46 -10.58 11.04
C ASN B 305 7.02 -10.69 11.53
N PHE B 306 6.85 -11.04 12.80
CA PHE B 306 5.55 -11.01 13.46
C PHE B 306 5.58 -9.98 14.58
N GLU B 307 4.42 -9.40 14.86
CA GLU B 307 4.23 -8.56 16.03
C GLU B 307 2.97 -8.99 16.75
N VAL B 308 3.03 -9.03 18.08
CA VAL B 308 1.85 -9.24 18.91
C VAL B 308 1.72 -8.05 19.84
N TRP B 309 0.58 -7.38 19.77
CA TRP B 309 0.19 -6.29 20.66
C TRP B 309 -1.03 -6.73 21.46
N GLU B 310 -1.20 -6.12 22.62
CA GLU B 310 -2.39 -6.39 23.41
C GLU B 310 -2.75 -5.16 24.24
N ARG B 311 -4.03 -5.05 24.57
CA ARG B 311 -4.57 -3.95 25.34
C ARG B 311 -5.53 -4.48 26.40
N PRO B 312 -5.31 -4.15 27.67
CA PRO B 312 -6.28 -4.52 28.69
C PRO B 312 -7.52 -3.66 28.61
N LEU B 313 -8.68 -4.30 28.73
CA LEU B 313 -9.97 -3.65 28.67
C LEU B 313 -10.67 -3.82 30.01
N SER B 314 -11.72 -3.03 30.23
CA SER B 314 -12.48 -3.16 31.46
C SER B 314 -13.09 -4.55 31.57
N GLY B 315 -13.24 -5.01 32.81
CA GLY B 315 -13.89 -6.28 33.11
C GLY B 315 -13.13 -7.51 32.67
N LEU B 316 -11.80 -7.52 32.84
CA LEU B 316 -10.96 -8.69 32.59
C LEU B 316 -10.96 -9.13 31.13
N ALA B 317 -11.28 -8.23 30.21
CA ALA B 317 -11.19 -8.50 28.78
C ALA B 317 -9.87 -7.97 28.23
N TRP B 318 -9.44 -8.56 27.11
CA TRP B 318 -8.26 -8.09 26.40
C TRP B 318 -8.50 -8.02 24.90
N ALA B 319 -7.83 -7.07 24.26
CA ALA B 319 -7.73 -7.05 22.81
C ALA B 319 -6.32 -7.50 22.44
N VAL B 320 -6.22 -8.33 21.39
CA VAL B 320 -4.94 -8.85 20.93
C VAL B 320 -4.86 -8.63 19.43
N ALA B 321 -3.76 -8.03 18.99
CA ALA B 321 -3.52 -7.79 17.57
C ALA B 321 -2.26 -8.52 17.14
N MET B 322 -2.34 -9.21 16.02
CA MET B 322 -1.21 -9.94 15.47
C MET B 322 -0.94 -9.42 14.06
N ILE B 323 0.23 -8.83 13.87
CA ILE B 323 0.64 -8.22 12.61
C ILE B 323 1.64 -9.13 11.93
N ASN B 324 1.46 -9.33 10.62
CA ASN B 324 2.42 -10.01 9.76
C ASN B 324 3.19 -8.94 9.00
N ARG B 325 4.46 -8.75 9.36
CA ARG B 325 5.28 -7.73 8.75
C ARG B 325 6.09 -8.24 7.55
N GLN B 326 5.94 -9.51 7.19
CA GLN B 326 6.58 -10.03 6.00
C GLN B 326 5.78 -9.58 4.77
N GLU B 327 6.43 -8.85 3.88
CA GLU B 327 5.75 -8.24 2.73
C GLU B 327 5.95 -9.04 1.46
N ILE B 328 5.86 -10.37 1.57
CA ILE B 328 5.95 -11.26 0.42
C ILE B 328 5.26 -12.56 0.82
N GLY B 329 4.83 -13.32 -0.18
CA GLY B 329 4.20 -14.59 0.11
C GLY B 329 2.72 -14.45 0.44
N GLY B 330 2.22 -15.37 1.24
CA GLY B 330 0.82 -15.45 1.56
C GLY B 330 0.57 -15.40 3.05
N PRO B 331 -0.64 -15.72 3.46
CA PRO B 331 -0.98 -15.74 4.90
C PRO B 331 -0.04 -16.67 5.66
N ARG B 332 0.50 -16.17 6.76
CA ARG B 332 1.45 -16.92 7.57
C ARG B 332 0.79 -17.39 8.86
N SER B 333 1.09 -18.62 9.24
CA SER B 333 0.54 -19.20 10.45
C SER B 333 1.30 -18.69 11.68
N TYR B 334 0.57 -18.36 12.72
CA TYR B 334 1.13 -17.94 13.99
C TYR B 334 0.34 -18.60 15.11
N THR B 335 1.02 -19.20 16.07
CA THR B 335 0.35 -19.81 17.21
C THR B 335 0.98 -19.29 18.49
N ILE B 336 0.14 -19.17 19.52
CA ILE B 336 0.61 -18.69 20.82
C ILE B 336 -0.24 -19.33 21.90
N ALA B 337 0.40 -19.63 23.04
CA ALA B 337 -0.34 -20.13 24.18
C ALA B 337 -1.21 -19.02 24.74
N VAL B 338 -2.49 -19.31 24.96
CA VAL B 338 -3.39 -18.29 25.48
C VAL B 338 -2.96 -17.80 26.84
N ALA B 339 -2.21 -18.62 27.59
CA ALA B 339 -1.70 -18.21 28.88
C ALA B 339 -0.66 -17.09 28.77
N SER B 340 -0.01 -16.94 27.61
CA SER B 340 0.92 -15.84 27.42
C SER B 340 0.21 -14.53 27.10
N LEU B 341 -1.10 -14.55 26.90
CA LEU B 341 -1.86 -13.37 26.56
C LEU B 341 -2.54 -12.80 27.81
N GLY B 342 -2.88 -11.52 27.74
CA GLY B 342 -3.55 -10.85 28.85
C GLY B 342 -2.90 -11.06 30.19
N LYS B 343 -1.56 -11.08 30.23
CA LYS B 343 -0.79 -11.28 31.45
C LYS B 343 -1.14 -12.58 32.16
N GLY B 344 -1.66 -13.56 31.44
CA GLY B 344 -2.08 -14.80 32.04
C GLY B 344 -3.42 -14.73 32.76
N VAL B 345 -4.11 -13.59 32.68
CA VAL B 345 -5.37 -13.38 33.37
C VAL B 345 -6.54 -13.55 32.41
N ALA B 346 -6.32 -13.21 31.13
CA ALA B 346 -7.42 -13.15 30.17
C ALA B 346 -8.16 -14.47 30.07
N CYS B 347 -7.44 -15.59 30.06
CA CYS B 347 -8.04 -16.89 29.81
C CYS B 347 -7.92 -17.81 31.02
N ASN B 348 -8.01 -17.23 32.22
CA ASN B 348 -7.95 -17.98 33.47
C ASN B 348 -9.29 -17.81 34.20
N PRO B 349 -10.12 -18.85 34.33
CA PRO B 349 -9.85 -20.24 33.92
C PRO B 349 -10.05 -20.46 32.43
N ALA B 350 -10.84 -19.60 31.77
CA ALA B 350 -10.98 -19.72 30.34
C ALA B 350 -11.30 -18.35 29.77
N CYS B 351 -11.31 -18.27 28.44
CA CYS B 351 -11.77 -17.07 27.76
C CYS B 351 -12.56 -17.51 26.53
N PHE B 352 -13.51 -16.68 26.15
CA PHE B 352 -14.15 -16.79 24.85
C PHE B 352 -13.48 -15.78 23.92
N ILE B 353 -13.06 -16.24 22.75
CA ILE B 353 -12.30 -15.43 21.81
C ILE B 353 -13.16 -15.14 20.60
N THR B 354 -13.27 -13.87 20.25
CA THR B 354 -13.99 -13.42 19.06
C THR B 354 -13.00 -12.68 18.18
N GLN B 355 -12.78 -13.18 16.97
CA GLN B 355 -12.03 -12.41 16.00
C GLN B 355 -12.92 -11.28 15.49
N LEU B 356 -12.36 -10.08 15.41
CA LEU B 356 -13.06 -8.91 14.91
C LEU B 356 -12.55 -8.46 13.54
N LEU B 357 -11.26 -8.60 13.29
CA LEU B 357 -10.64 -8.20 12.04
C LEU B 357 -9.71 -9.32 11.57
N PRO B 358 -9.58 -9.52 10.25
CA PRO B 358 -10.19 -8.81 9.12
C PRO B 358 -11.70 -9.04 8.99
N VAL B 359 -12.19 -10.16 9.53
CA VAL B 359 -13.62 -10.46 9.56
C VAL B 359 -14.00 -10.87 10.98
N LYS B 360 -15.28 -10.68 11.30
CA LYS B 360 -15.79 -11.03 12.62
C LYS B 360 -16.22 -12.49 12.63
N ARG B 361 -15.66 -13.26 13.57
CA ARG B 361 -15.93 -14.70 13.66
C ARG B 361 -15.71 -15.13 15.10
N LYS B 362 -16.73 -15.74 15.71
CA LYS B 362 -16.57 -16.33 17.03
C LYS B 362 -15.66 -17.55 16.92
N LEU B 363 -14.57 -17.58 17.69
CA LEU B 363 -13.64 -18.69 17.66
C LEU B 363 -13.92 -19.73 18.75
N GLY B 364 -14.54 -19.35 19.84
CA GLY B 364 -15.02 -20.29 20.82
C GLY B 364 -14.31 -20.15 22.16
N PHE B 365 -14.52 -21.17 23.00
CA PHE B 365 -13.92 -21.21 24.32
C PHE B 365 -12.50 -21.77 24.25
N TYR B 366 -11.57 -21.09 24.90
CA TYR B 366 -10.19 -21.54 25.00
C TYR B 366 -9.83 -21.64 26.48
N GLU B 367 -9.44 -22.82 26.92
CA GLU B 367 -9.07 -23.00 28.31
C GLU B 367 -7.64 -22.48 28.53
N TRP B 368 -7.32 -22.19 29.78
CA TRP B 368 -6.03 -21.57 30.11
C TRP B 368 -4.83 -22.30 29.52
N THR B 369 -4.92 -23.61 29.32
CA THR B 369 -3.81 -24.38 28.77
C THR B 369 -3.82 -24.46 27.24
N SER B 370 -4.84 -23.92 26.58
CA SER B 370 -5.01 -24.11 25.15
C SER B 370 -4.04 -23.23 24.35
N ARG B 371 -3.97 -23.49 23.06
CA ARG B 371 -3.18 -22.71 22.12
C ARG B 371 -4.08 -22.08 21.05
N LEU B 372 -3.82 -20.82 20.75
CA LEU B 372 -4.51 -20.10 19.69
C LEU B 372 -3.69 -20.15 18.41
N ARG B 373 -4.28 -20.66 17.33
CA ARG B 373 -3.67 -20.72 16.01
C ARG B 373 -4.40 -19.76 15.07
N SER B 374 -3.64 -18.99 14.30
CA SER B 374 -4.19 -17.96 13.45
C SER B 374 -3.37 -17.88 12.17
N HIS B 375 -3.98 -17.35 11.11
CA HIS B 375 -3.28 -17.04 9.87
C HIS B 375 -3.42 -15.55 9.58
N ILE B 376 -2.30 -14.87 9.33
CA ILE B 376 -2.28 -13.42 9.17
C ILE B 376 -1.74 -13.05 7.80
N ASN B 377 -2.47 -12.18 7.10
CA ASN B 377 -2.07 -11.73 5.78
C ASN B 377 -0.85 -10.82 5.83
N PRO B 378 -0.02 -10.85 4.79
CA PRO B 378 1.08 -9.88 4.67
C PRO B 378 0.60 -8.44 4.81
N THR B 379 1.24 -7.70 5.72
CA THR B 379 0.92 -6.32 6.11
C THR B 379 -0.44 -6.21 6.76
N GLY B 380 -1.13 -7.32 7.01
CA GLY B 380 -2.41 -7.31 7.68
C GLY B 380 -2.29 -7.57 9.18
N THR B 381 -3.44 -7.49 9.84
CA THR B 381 -3.53 -7.71 11.27
C THR B 381 -4.75 -8.56 11.57
N VAL B 382 -4.60 -9.48 12.52
CA VAL B 382 -5.72 -10.20 13.09
C VAL B 382 -6.01 -9.59 14.45
N LEU B 383 -7.23 -9.09 14.64
CA LEU B 383 -7.64 -8.47 15.89
C LEU B 383 -8.63 -9.39 16.59
N LEU B 384 -8.38 -9.65 17.86
CA LEU B 384 -9.17 -10.58 18.65
C LEU B 384 -9.60 -9.90 19.93
N GLN B 385 -10.79 -10.26 20.40
CA GLN B 385 -11.26 -9.88 21.73
C GLN B 385 -11.36 -11.14 22.58
N LEU B 386 -10.77 -11.08 23.76
CA LEU B 386 -10.76 -12.19 24.72
C LEU B 386 -11.61 -11.76 25.89
N GLU B 387 -12.61 -12.57 26.22
CA GLU B 387 -13.53 -12.30 27.31
C GLU B 387 -13.29 -13.37 28.36
N ASN B 388 -12.80 -12.96 29.53
CA ASN B 388 -12.55 -13.92 30.60
C ASN B 388 -13.87 -14.57 31.03
N THR B 389 -13.81 -15.87 31.28
CA THR B 389 -15.03 -16.60 31.61
C THR B 389 -14.69 -17.83 32.45
N MET B 390 -15.67 -18.20 33.27
CA MET B 390 -15.68 -19.38 34.11
C MET B 390 -16.40 -20.55 33.47
N GLN B 391 -16.93 -20.35 32.27
CA GLN B 391 -17.55 -21.41 31.49
C GLN B 391 -16.50 -22.09 30.62
N MET B 392 -16.79 -23.32 30.21
CA MET B 392 -15.84 -24.10 29.42
C MET B 392 -16.31 -24.42 28.02
N SER B 393 -17.63 -24.43 27.76
CA SER B 393 -18.16 -24.69 26.43
C SER B 393 -19.64 -24.32 26.36
C1 NAG C . 16.84 -22.31 -33.64
C2 NAG C . 15.32 -22.15 -33.65
C3 NAG C . 14.81 -21.66 -35.01
C4 NAG C . 15.63 -20.48 -35.54
C5 NAG C . 17.11 -20.85 -35.49
C6 NAG C . 18.02 -19.73 -35.95
C7 NAG C . 14.21 -23.66 -32.06
C8 NAG C . 13.56 -25.01 -31.89
N2 NAG C . 14.67 -23.40 -33.30
O3 NAG C . 13.46 -21.27 -34.88
O4 NAG C . 15.28 -20.23 -36.90
O5 NAG C . 17.46 -21.13 -34.12
O6 NAG C . 18.31 -18.82 -34.90
O7 NAG C . 14.30 -22.86 -31.15
C1 NAG C . 14.46 -19.06 -37.10
C2 NAG C . 14.76 -18.55 -38.50
C3 NAG C . 13.87 -17.36 -38.84
C4 NAG C . 12.40 -17.74 -38.67
C5 NAG C . 12.18 -18.24 -37.25
C6 NAG C . 10.77 -18.72 -37.02
C7 NAG C . 17.06 -18.97 -39.25
C8 NAG C . 18.46 -18.44 -39.31
N2 NAG C . 16.17 -18.19 -38.64
O3 NAG C . 14.11 -16.96 -40.18
O4 NAG C . 11.56 -16.64 -38.96
O5 NAG C . 13.05 -19.34 -36.97
O6 NAG C . 10.71 -20.13 -36.87
O7 NAG C . 16.75 -20.05 -39.73
C1 NAG D . 27.59 -6.82 -27.88
C2 NAG D . 28.81 -6.18 -28.52
C3 NAG D . 28.68 -6.16 -30.04
C4 NAG D . 28.31 -7.53 -30.60
C5 NAG D . 27.13 -8.12 -29.83
C6 NAG D . 26.84 -9.56 -30.21
C7 NAG D . 30.02 -4.50 -27.19
C8 NAG D . 30.09 -3.06 -26.77
N2 NAG D . 29.03 -4.84 -28.01
O3 NAG D . 29.91 -5.73 -30.62
O4 NAG D . 27.89 -7.37 -31.95
O5 NAG D . 27.40 -8.12 -28.42
O6 NAG D . 27.65 -10.46 -29.48
O7 NAG D . 30.84 -5.32 -26.79
C1 NAG D . 28.70 -8.07 -32.92
C2 NAG D . 27.85 -8.16 -34.17
C3 NAG D . 28.61 -8.90 -35.27
C4 NAG D . 29.95 -8.23 -35.52
C5 NAG D . 30.72 -8.03 -34.21
C6 NAG D . 31.96 -7.17 -34.38
C7 NAG D . 25.43 -8.15 -33.77
C8 NAG D . 24.22 -8.98 -33.49
N2 NAG D . 26.58 -8.82 -33.90
O3 NAG D . 27.84 -8.91 -36.46
O4 NAG D . 30.73 -9.01 -36.42
O5 NAG D . 29.90 -7.38 -33.22
O6 NAG D . 32.94 -7.48 -33.41
O7 NAG D . 25.38 -6.92 -33.86
C1 NAG E . -10.21 24.57 34.67
C2 NAG E . -11.36 23.71 34.16
C3 NAG E . -12.08 23.05 35.33
C4 NAG E . -11.09 22.28 36.20
C5 NAG E . -9.93 23.18 36.61
C6 NAG E . -8.83 22.44 37.35
C7 NAG E . -12.31 24.50 32.05
C8 NAG E . -13.34 25.38 31.40
N2 NAG E . -12.29 24.50 33.38
O3 NAG E . -13.06 22.15 34.82
O4 NAG E . -11.74 21.85 37.39
O5 NAG E . -9.33 23.77 35.44
O6 NAG E . -7.56 23.02 37.10
O7 NAG E . -11.53 23.83 31.38
C1 NAG E . -11.83 20.43 37.42
C2 NAG E . -11.92 20.04 38.90
C3 NAG E . -12.22 18.55 39.08
C4 NAG E . -13.34 18.09 38.16
C5 NAG E . -13.08 18.56 36.73
C6 NAG E . -14.18 18.20 35.77
C7 NAG E . -10.60 21.44 40.45
C8 NAG E . -9.26 21.66 41.07
N2 NAG E . -10.70 20.40 39.61
O3 NAG E . -12.57 18.30 40.43
O4 NAG E . -13.45 16.68 38.21
O5 NAG E . -12.97 19.98 36.74
O6 NAG E . -15.41 18.82 36.12
O7 NAG E . -11.56 22.18 40.68
C1 BMA E . -14.75 16.41 38.75
C2 BMA E . -15.01 14.96 38.37
C3 BMA E . -16.35 14.51 38.94
C4 BMA E . -16.42 14.81 40.44
C5 BMA E . -16.12 16.29 40.70
C6 BMA E . -16.14 16.68 42.18
O2 BMA E . -14.02 14.11 38.93
O3 BMA E . -16.55 13.15 38.66
O4 BMA E . -17.72 14.49 40.94
O5 BMA E . -14.82 16.57 40.16
O6 BMA E . -15.00 16.15 42.81
C1 MAN E . -17.31 12.99 37.45
C2 MAN E . -17.90 11.58 37.50
C3 MAN E . -16.75 10.56 37.45
C4 MAN E . -15.76 10.83 36.28
C5 MAN E . -15.36 12.31 36.18
C6 MAN E . -14.64 12.66 34.89
O2 MAN E . -18.72 11.31 36.36
O3 MAN E . -17.25 9.23 37.37
O4 MAN E . -14.58 10.05 36.47
O5 MAN E . -16.52 13.16 36.28
O6 MAN E . -13.96 13.92 35.07
C1 NAG F . 30.66 -25.61 -9.33
C2 NAG F . 31.28 -24.38 -9.98
C3 NAG F . 32.65 -24.72 -10.56
C4 NAG F . 33.55 -25.36 -9.50
C5 NAG F . 32.85 -26.55 -8.86
C6 NAG F . 33.63 -27.14 -7.71
C7 NAG F . 29.83 -22.64 -10.93
C8 NAG F . 28.98 -22.24 -12.09
N2 NAG F . 30.41 -23.84 -11.01
O3 NAG F . 33.26 -23.54 -11.08
O4 NAG F . 34.77 -25.79 -10.09
O5 NAG F . 31.57 -26.14 -8.34
O6 NAG F . 33.16 -26.67 -6.45
O7 NAG F . 29.96 -21.92 -9.94
CAA VMO G . 13.75 -17.08 -6.84
CAB VMO G . 12.72 -16.57 -7.83
CAD VMO G . 13.23 -15.18 -8.03
CAE VMO G . 14.68 -15.47 -8.29
CAF VMO G . 13.78 -18.61 -6.90
CAG VMO G . 15.71 -15.87 -6.17
NAH VMO G . 15.03 -16.51 -7.30
OAJ VMO G . 12.83 -17.31 -9.05
OAK VMO G . 12.63 -14.59 -9.19
OAL VMO G . 14.74 -19.11 -5.97
S SO4 H . 3.88 21.72 -21.70
O1 SO4 H . 3.80 23.01 -22.38
O2 SO4 H . 4.28 20.69 -22.66
O3 SO4 H . 4.87 21.80 -20.63
O4 SO4 H . 2.58 21.38 -21.15
C1 NAG I . 8.32 36.59 17.62
C2 NAG I . 9.27 35.91 18.63
C3 NAG I . 9.93 36.95 19.54
C4 NAG I . 10.57 38.06 18.72
C5 NAG I . 9.54 38.66 17.77
C6 NAG I . 10.12 39.73 16.87
C7 NAG I . 8.77 33.61 19.33
C8 NAG I . 7.94 32.74 20.23
N2 NAG I . 8.56 34.92 19.42
O3 NAG I . 10.90 36.33 20.36
O4 NAG I . 11.06 39.08 19.58
O5 NAG I . 9.03 37.63 16.92
O6 NAG I . 11.37 39.33 16.33
O7 NAG I . 9.59 33.14 18.54
C1 NAG J . 7.61 16.72 35.27
C2 NAG J . 8.48 16.42 36.47
C3 NAG J . 7.60 16.13 37.67
C4 NAG J . 6.66 17.31 37.92
C5 NAG J . 5.91 17.72 36.65
C6 NAG J . 5.18 19.04 36.80
C7 NAG J . 10.71 15.47 36.06
C8 NAG J . 11.49 14.22 35.82
N2 NAG J . 9.38 15.31 36.21
O3 NAG J . 8.40 15.89 38.82
O4 NAG J . 5.71 16.97 38.93
O5 NAG J . 6.81 17.88 35.54
O6 NAG J . 6.04 20.04 37.32
O7 NAG J . 11.23 16.57 36.11
CAA VMO K . 0.37 20.84 9.76
CAB VMO K . -0.63 19.90 10.39
CAD VMO K . 0.30 18.86 10.93
CAE VMO K . 1.28 19.74 11.67
CAF VMO K . -0.28 22.22 9.60
CAG VMO K . 2.77 20.65 10.04
NAH VMO K . 1.49 20.87 10.74
OAJ VMO K . -1.28 20.58 11.48
OAK VMO K . -0.40 18.00 11.85
OAL VMO K . 0.64 23.14 8.98
S SO4 L . 4.21 -19.56 23.45
O1 SO4 L . 5.63 -19.43 23.79
O2 SO4 L . 4.07 -19.72 22.02
O3 SO4 L . 3.50 -18.37 23.89
O4 SO4 L . 3.68 -20.74 24.13
#